data_6BWT
#
_entry.id   6BWT
#
_cell.length_a   58.299
_cell.length_b   112.587
_cell.length_c   167.044
_cell.angle_alpha   90.00
_cell.angle_beta   90.00
_cell.angle_gamma   90.00
#
_symmetry.space_group_name_H-M   'P 21 21 21'
#
loop_
_entity.id
_entity.type
_entity.pdbx_description
1 polymer 'Thioredoxin reductase'
2 non-polymer 'CHLORIDE ION'
3 non-polymer 'SULFATE ION'
4 water water
#
_entity_poly.entity_id   1
_entity_poly.type   'polypeptide(L)'
_entity_poly.pdbx_seq_one_letter_code
;SNAMANHHKLIILGSGPAGYTAAIYAARANLKPVIITGMQPGGQLTTTTDVYNWPGEPDGIMGPELMEKLQKQAERFDTQ
IVYDTINAVDLQNKPFKLVGEVEQYTCDTLIIATGATAKYLGLESEEKFMGKGVSACATCDGFFYKNKDVAVVGGGNTAV
EEALFLSNIAKSVTLIHRRDTLRSEKILIDKLMEKAQHGNINIIWNTTLEEVLGDDMGVNALRIKNIKTNEESQMGVAGV
FIAIGHTPNTSIFAGQLEMENGYIKVKSGLAGDATQTNIKGVFAAGDVADHVYKQAVTSAGTGCMAALDAEKYLDNLDQ
;
_entity_poly.pdbx_strand_id   A,B,C,D
#
loop_
_chem_comp.id
_chem_comp.type
_chem_comp.name
_chem_comp.formula
CL non-polymer 'CHLORIDE ION' 'Cl -1'
SO4 non-polymer 'SULFATE ION' 'O4 S -2'
#
# COMPACT_ATOMS: atom_id res chain seq x y z
N MET A 4 -29.56 -23.41 -3.09
CA MET A 4 -28.60 -23.69 -4.21
C MET A 4 -28.10 -22.37 -4.84
N ALA A 5 -28.85 -21.86 -5.83
CA ALA A 5 -28.51 -20.61 -6.52
C ALA A 5 -28.97 -19.41 -5.70
N ASN A 6 -29.97 -19.60 -4.83
N ASN A 6 -29.98 -19.56 -4.85
CA ASN A 6 -30.50 -18.55 -3.96
CA ASN A 6 -30.44 -18.45 -4.02
C ASN A 6 -29.60 -18.22 -2.78
C ASN A 6 -29.60 -18.21 -2.77
N HIS A 7 -28.59 -19.05 -2.56
CA HIS A 7 -27.61 -18.87 -1.47
C HIS A 7 -26.40 -18.05 -1.94
N HIS A 8 -25.90 -17.17 -1.07
CA HIS A 8 -24.74 -16.32 -1.37
C HIS A 8 -23.90 -16.12 -0.11
N LYS A 9 -22.59 -15.99 -0.28
CA LYS A 9 -21.71 -15.76 0.86
C LYS A 9 -22.00 -14.42 1.55
N LEU A 10 -22.26 -13.39 0.75
CA LEU A 10 -22.55 -12.07 1.27
C LEU A 10 -23.68 -11.39 0.53
N ILE A 11 -24.64 -10.87 1.30
CA ILE A 11 -25.75 -10.08 0.74
C ILE A 11 -25.72 -8.72 1.43
N ILE A 12 -25.83 -7.68 0.61
CA ILE A 12 -25.81 -6.30 1.06
C ILE A 12 -27.19 -5.70 0.81
N LEU A 13 -27.80 -5.12 1.84
CA LEU A 13 -29.12 -4.48 1.69
C LEU A 13 -28.93 -2.99 1.63
N GLY A 14 -29.22 -2.38 0.48
CA GLY A 14 -29.06 -0.94 0.26
C GLY A 14 -28.10 -0.61 -0.89
N SER A 15 -28.25 0.59 -1.44
CA SER A 15 -27.40 1.00 -2.54
C SER A 15 -26.94 2.47 -2.45
N GLY A 16 -27.03 3.04 -1.25
CA GLY A 16 -26.47 4.38 -1.02
C GLY A 16 -24.95 4.23 -0.91
N PRO A 17 -24.24 5.28 -0.46
CA PRO A 17 -22.77 5.20 -0.37
C PRO A 17 -22.21 4.01 0.44
N ALA A 18 -22.90 3.64 1.52
CA ALA A 18 -22.45 2.52 2.36
C ALA A 18 -22.58 1.18 1.62
N GLY A 19 -23.76 0.96 1.05
CA GLY A 19 -23.99 -0.28 0.32
C GLY A 19 -23.06 -0.40 -0.89
N TYR A 20 -22.92 0.69 -1.66
CA TYR A 20 -22.08 0.61 -2.82
C TYR A 20 -20.59 0.47 -2.45
N THR A 21 -20.11 1.16 -1.42
CA THR A 21 -18.72 1.01 -1.01
C THR A 21 -18.47 -0.41 -0.46
N ALA A 22 -19.45 -0.94 0.28
CA ALA A 22 -19.33 -2.30 0.80
C ALA A 22 -19.23 -3.31 -0.34
N ALA A 23 -19.98 -3.11 -1.41
CA ALA A 23 -19.96 -4.00 -2.58
C ALA A 23 -18.61 -3.96 -3.28
N ILE A 24 -18.07 -2.76 -3.48
CA ILE A 24 -16.75 -2.61 -4.11
C ILE A 24 -15.71 -3.42 -3.36
N TYR A 25 -15.60 -3.19 -2.05
CA TYR A 25 -14.60 -3.90 -1.23
C TYR A 25 -14.84 -5.40 -1.18
N ALA A 26 -16.11 -5.80 -1.08
CA ALA A 26 -16.47 -7.22 -1.07
C ALA A 26 -16.07 -7.85 -2.39
N ALA A 27 -16.31 -7.12 -3.49
CA ALA A 27 -15.97 -7.61 -4.82
C ALA A 27 -14.46 -7.73 -5.00
N ARG A 28 -13.71 -6.79 -4.41
CA ARG A 28 -12.24 -6.78 -4.48
C ARG A 28 -11.67 -7.97 -3.71
N ALA A 29 -12.44 -8.49 -2.75
CA ALA A 29 -12.05 -9.66 -1.97
C ALA A 29 -12.66 -10.93 -2.59
N ASN A 30 -13.18 -10.79 -3.81
CA ASN A 30 -13.80 -11.88 -4.58
C ASN A 30 -14.91 -12.63 -3.81
N LEU A 31 -15.71 -11.87 -3.06
CA LEU A 31 -16.82 -12.47 -2.30
C LEU A 31 -18.10 -12.57 -3.13
N LYS A 32 -18.08 -12.04 -4.36
CA LYS A 32 -19.24 -12.07 -5.25
C LYS A 32 -20.50 -11.59 -4.52
N PRO A 33 -20.47 -10.32 -4.06
CA PRO A 33 -21.57 -9.80 -3.31
C PRO A 33 -22.82 -9.58 -4.14
N VAL A 34 -23.96 -9.64 -3.46
CA VAL A 34 -25.25 -9.40 -4.07
C VAL A 34 -25.87 -8.22 -3.35
N ILE A 35 -26.23 -7.19 -4.10
CA ILE A 35 -26.87 -6.02 -3.52
C ILE A 35 -28.36 -6.12 -3.79
N ILE A 36 -29.17 -6.14 -2.73
CA ILE A 36 -30.61 -6.19 -2.85
C ILE A 36 -31.08 -4.79 -2.49
N THR A 37 -31.57 -4.05 -3.47
CA THR A 37 -32.03 -2.68 -3.25
C THR A 37 -33.53 -2.53 -3.57
N GLY A 38 -34.23 -1.81 -2.69
CA GLY A 38 -35.67 -1.58 -2.84
C GLY A 38 -35.97 -0.33 -3.62
N ASP A 78 -17.71 -7.90 -10.90
CA ASP A 78 -18.26 -9.06 -10.19
C ASP A 78 -19.11 -8.74 -8.95
N THR A 79 -20.09 -7.87 -9.18
CA THR A 79 -21.12 -7.53 -8.21
C THR A 79 -22.45 -7.78 -8.93
N GLN A 80 -23.41 -8.38 -8.22
CA GLN A 80 -24.73 -8.66 -8.79
C GLN A 80 -25.74 -7.73 -8.11
N ILE A 81 -26.61 -7.09 -8.89
CA ILE A 81 -27.62 -6.17 -8.37
C ILE A 81 -29.01 -6.75 -8.57
N VAL A 82 -29.74 -6.88 -7.48
CA VAL A 82 -31.11 -7.42 -7.51
C VAL A 82 -32.05 -6.33 -7.03
N TYR A 83 -33.14 -6.11 -7.77
CA TYR A 83 -34.14 -5.12 -7.38
C TYR A 83 -35.30 -5.85 -6.74
N ASP A 84 -35.33 -5.81 -5.41
CA ASP A 84 -36.34 -6.51 -4.63
C ASP A 84 -36.46 -5.80 -3.27
N THR A 85 -37.50 -6.13 -2.52
CA THR A 85 -37.73 -5.54 -1.22
C THR A 85 -37.88 -6.67 -0.22
N ILE A 86 -37.03 -6.69 0.79
CA ILE A 86 -37.08 -7.70 1.83
C ILE A 86 -38.16 -7.29 2.84
N ASN A 87 -39.14 -8.15 3.06
CA ASN A 87 -40.24 -7.86 4.00
C ASN A 87 -40.14 -8.68 5.31
N ALA A 88 -39.23 -9.64 5.36
CA ALA A 88 -39.02 -10.44 6.57
C ALA A 88 -37.65 -11.13 6.55
N VAL A 89 -37.07 -11.33 7.73
CA VAL A 89 -35.78 -11.98 7.88
C VAL A 89 -35.75 -12.89 9.09
N ASP A 90 -34.95 -13.96 9.00
CA ASP A 90 -34.73 -14.89 10.12
C ASP A 90 -33.20 -14.94 10.27
N LEU A 91 -32.70 -14.29 11.33
CA LEU A 91 -31.27 -14.22 11.60
C LEU A 91 -30.85 -15.10 12.79
N GLN A 92 -31.76 -15.95 13.25
CA GLN A 92 -31.50 -16.80 14.41
C GLN A 92 -30.79 -18.13 14.07
N ASN A 93 -30.72 -18.48 12.79
CA ASN A 93 -30.10 -19.72 12.34
C ASN A 93 -29.12 -19.45 11.20
N LYS A 94 -28.28 -20.44 10.91
CA LYS A 94 -27.29 -20.35 9.83
C LYS A 94 -27.74 -21.34 8.74
N PRO A 95 -27.88 -20.91 7.49
CA PRO A 95 -27.62 -19.54 7.04
C PRO A 95 -28.77 -18.59 7.36
N PHE A 96 -28.52 -17.28 7.23
CA PHE A 96 -29.56 -16.27 7.48
C PHE A 96 -30.55 -16.34 6.34
N LYS A 97 -31.83 -16.14 6.63
CA LYS A 97 -32.87 -16.19 5.61
C LYS A 97 -33.48 -14.83 5.38
N LEU A 98 -33.65 -14.46 4.12
CA LEU A 98 -34.22 -13.18 3.73
C LEU A 98 -35.42 -13.50 2.83
N VAL A 99 -36.57 -12.90 3.13
CA VAL A 99 -37.76 -13.11 2.33
C VAL A 99 -38.08 -11.88 1.48
N GLY A 100 -38.01 -12.05 0.15
CA GLY A 100 -38.32 -11.00 -0.80
C GLY A 100 -39.77 -11.08 -1.26
N GLU A 101 -40.14 -10.26 -2.25
CA GLU A 101 -41.52 -10.25 -2.78
C GLU A 101 -41.99 -11.61 -3.27
N VAL A 102 -41.11 -12.35 -3.94
CA VAL A 102 -41.44 -13.68 -4.46
C VAL A 102 -40.37 -14.73 -4.12
N GLU A 103 -39.09 -14.32 -4.12
CA GLU A 103 -38.00 -15.24 -3.85
C GLU A 103 -37.48 -15.13 -2.42
N GLN A 104 -36.84 -16.21 -1.96
CA GLN A 104 -36.20 -16.28 -0.67
C GLN A 104 -34.70 -16.40 -0.92
N TYR A 105 -33.91 -15.78 -0.05
CA TYR A 105 -32.47 -15.81 -0.16
C TYR A 105 -31.86 -16.32 1.15
N THR A 106 -30.67 -16.89 1.04
CA THR A 106 -29.91 -17.32 2.19
C THR A 106 -28.50 -16.74 2.05
N CYS A 107 -27.84 -16.50 3.18
CA CYS A 107 -26.49 -15.97 3.15
C CYS A 107 -25.73 -16.25 4.43
N ASP A 108 -24.41 -16.26 4.30
CA ASP A 108 -23.51 -16.52 5.43
C ASP A 108 -23.25 -15.23 6.21
N THR A 109 -23.24 -14.09 5.52
CA THR A 109 -23.07 -12.78 6.15
C THR A 109 -24.04 -11.81 5.52
N LEU A 110 -24.46 -10.83 6.31
CA LEU A 110 -25.41 -9.82 5.89
C LEU A 110 -24.91 -8.44 6.27
N ILE A 111 -24.92 -7.53 5.30
CA ILE A 111 -24.55 -6.14 5.53
C ILE A 111 -25.81 -5.30 5.32
N ILE A 112 -26.30 -4.72 6.40
CA ILE A 112 -27.51 -3.90 6.36
C ILE A 112 -27.09 -2.45 6.16
N ALA A 113 -27.50 -1.87 5.03
CA ALA A 113 -27.19 -0.47 4.70
C ALA A 113 -28.43 0.15 4.04
N THR A 114 -29.59 -0.08 4.64
CA THR A 114 -30.86 0.40 4.11
C THR A 114 -31.11 1.91 4.24
N GLY A 115 -30.19 2.63 4.88
CA GLY A 115 -30.30 4.08 5.01
C GLY A 115 -31.44 4.56 5.86
N ALA A 116 -32.03 5.66 5.40
CA ALA A 116 -33.14 6.28 6.06
C ALA A 116 -34.20 6.65 4.99
N THR A 117 -35.39 6.95 5.48
CA THR A 117 -36.52 7.33 4.64
C THR A 117 -37.19 8.54 5.27
N ALA A 118 -37.71 9.41 4.42
CA ALA A 118 -38.30 10.66 4.81
C ALA A 118 -39.33 10.62 5.92
N LYS A 119 -39.19 11.55 6.86
CA LYS A 119 -40.06 11.71 8.00
C LYS A 119 -41.15 12.72 7.61
N TYR A 120 -42.36 12.47 8.05
CA TYR A 120 -43.50 13.31 7.74
C TYR A 120 -44.04 13.99 9.00
N LEU A 121 -44.57 15.21 8.83
CA LEU A 121 -45.15 15.96 9.92
C LEU A 121 -46.22 15.20 10.69
N GLY A 122 -46.98 14.36 10.00
CA GLY A 122 -48.06 13.60 10.61
C GLY A 122 -49.43 14.27 10.50
N LEU A 123 -49.56 15.24 9.58
CA LEU A 123 -50.84 15.92 9.41
C LEU A 123 -51.73 15.02 8.57
N GLU A 124 -53.05 15.17 8.74
CA GLU A 124 -53.99 14.31 8.01
C GLU A 124 -53.97 14.69 6.54
N SER A 125 -53.88 16.00 6.27
CA SER A 125 -53.84 16.55 4.90
C SER A 125 -52.53 16.20 4.15
N GLU A 126 -51.55 15.74 4.92
CA GLU A 126 -50.26 15.31 4.37
C GLU A 126 -50.46 13.92 3.77
N GLU A 127 -50.99 12.99 4.57
CA GLU A 127 -51.24 11.63 4.10
C GLU A 127 -52.23 11.69 2.91
N LYS A 128 -53.25 12.51 3.07
CA LYS A 128 -54.34 12.69 2.11
C LYS A 128 -53.96 13.16 0.70
N PHE A 129 -52.92 13.98 0.59
CA PHE A 129 -52.40 14.44 -0.70
C PHE A 129 -51.07 13.80 -1.19
N MET A 130 -50.66 12.68 -0.58
CA MET A 130 -49.49 11.92 -1.01
C MET A 130 -49.53 11.61 -2.50
N GLY A 131 -48.39 11.79 -3.16
CA GLY A 131 -48.26 11.56 -4.62
C GLY A 131 -49.32 12.31 -5.40
N LYS A 132 -49.69 13.50 -4.93
CA LYS A 132 -50.73 14.27 -5.58
C LYS A 132 -50.58 15.75 -5.19
N GLY A 133 -49.36 16.14 -4.81
CA GLY A 133 -49.04 17.52 -4.36
C GLY A 133 -48.11 17.49 -3.13
N VAL A 134 -48.03 16.35 -2.47
CA VAL A 134 -47.19 16.12 -1.32
C VAL A 134 -46.17 15.04 -1.67
N SER A 135 -44.90 15.34 -1.36
CA SER A 135 -43.79 14.45 -1.64
C SER A 135 -42.68 14.74 -0.65
N ALA A 136 -41.74 13.79 -0.55
CA ALA A 136 -40.58 13.94 0.34
C ALA A 136 -39.31 13.72 -0.45
N CYS A 137 -39.43 13.72 -1.78
CA CYS A 137 -38.30 13.50 -2.65
C CYS A 137 -38.36 14.44 -3.85
N ALA A 138 -37.63 15.55 -3.75
CA ALA A 138 -37.58 16.54 -4.82
C ALA A 138 -36.94 16.00 -6.09
N THR A 139 -35.94 15.14 -5.94
CA THR A 139 -35.26 14.53 -7.11
C THR A 139 -36.12 13.44 -7.75
N CYS A 140 -37.20 13.05 -7.08
CA CYS A 140 -38.10 12.03 -7.62
C CYS A 140 -39.23 12.65 -8.46
N ASP A 141 -39.99 13.54 -7.84
CA ASP A 141 -41.19 14.18 -8.37
C ASP A 141 -41.04 15.67 -8.76
N GLY A 142 -39.88 16.26 -8.53
CA GLY A 142 -39.68 17.68 -8.79
C GLY A 142 -39.84 18.10 -10.23
N PHE A 143 -39.52 17.21 -11.16
CA PHE A 143 -39.61 17.53 -12.59
C PHE A 143 -41.05 17.79 -13.08
N PHE A 144 -42.05 17.37 -12.28
CA PHE A 144 -43.46 17.59 -12.64
C PHE A 144 -43.95 18.99 -12.26
N TYR A 145 -43.07 19.81 -11.70
CA TYR A 145 -43.44 21.17 -11.29
C TYR A 145 -42.65 22.25 -12.04
N LYS A 146 -42.45 22.02 -13.33
CA LYS A 146 -41.73 22.96 -14.19
C LYS A 146 -42.63 24.20 -14.36
N ASN A 147 -42.08 25.37 -14.06
CA ASN A 147 -42.79 26.66 -14.14
C ASN A 147 -44.02 26.73 -13.21
N LYS A 148 -43.92 26.08 -12.05
CA LYS A 148 -44.98 26.07 -11.04
C LYS A 148 -44.43 26.53 -9.70
N ASP A 149 -45.31 26.97 -8.81
CA ASP A 149 -44.93 27.42 -7.48
C ASP A 149 -44.95 26.22 -6.54
N VAL A 150 -43.83 26.01 -5.85
CA VAL A 150 -43.72 24.91 -4.90
C VAL A 150 -43.16 25.39 -3.57
N ALA A 151 -43.30 24.55 -2.55
CA ALA A 151 -42.79 24.83 -1.23
C ALA A 151 -41.96 23.67 -0.71
N VAL A 152 -41.05 23.98 0.21
CA VAL A 152 -40.21 23.00 0.86
C VAL A 152 -40.32 23.28 2.34
N VAL A 153 -40.60 22.24 3.14
CA VAL A 153 -40.72 22.37 4.59
C VAL A 153 -39.52 21.71 5.26
N GLY A 154 -38.76 22.49 6.05
CA GLY A 154 -37.59 21.99 6.75
C GLY A 154 -36.48 23.02 6.80
N GLY A 155 -35.44 22.71 7.58
CA GLY A 155 -34.30 23.62 7.74
C GLY A 155 -32.93 22.96 7.79
N GLY A 156 -32.84 21.67 7.48
CA GLY A 156 -31.56 20.96 7.48
C GLY A 156 -30.95 20.91 6.09
N ASN A 157 -29.92 20.08 5.90
CA ASN A 157 -29.30 19.92 4.57
C ASN A 157 -30.27 19.43 3.53
N THR A 158 -31.14 18.50 3.90
CA THR A 158 -32.10 17.96 2.94
C THR A 158 -33.02 19.04 2.39
N ALA A 159 -33.53 19.89 3.28
CA ALA A 159 -34.43 20.99 2.89
C ALA A 159 -33.74 22.02 1.98
N VAL A 160 -32.53 22.40 2.37
CA VAL A 160 -31.75 23.38 1.60
C VAL A 160 -31.41 22.81 0.22
N GLU A 161 -30.92 21.57 0.20
CA GLU A 161 -30.55 20.93 -1.07
C GLU A 161 -31.75 20.73 -1.98
N GLU A 162 -32.91 20.41 -1.41
CA GLU A 162 -34.13 20.24 -2.21
C GLU A 162 -34.62 21.58 -2.77
N ALA A 163 -34.52 22.64 -1.96
CA ALA A 163 -34.93 23.98 -2.42
C ALA A 163 -34.03 24.43 -3.58
N LEU A 164 -32.72 24.21 -3.42
CA LEU A 164 -31.75 24.56 -4.46
C LEU A 164 -31.99 23.74 -5.72
N PHE A 165 -32.30 22.45 -5.56
CA PHE A 165 -32.56 21.59 -6.71
C PHE A 165 -33.84 22.02 -7.43
N LEU A 166 -34.87 22.33 -6.66
CA LEU A 166 -36.15 22.77 -7.23
C LEU A 166 -36.10 24.16 -7.87
N SER A 167 -35.13 24.99 -7.49
CA SER A 167 -35.03 26.36 -8.06
C SER A 167 -34.77 26.34 -9.58
N ASN A 168 -34.00 25.35 -10.04
CA ASN A 168 -33.68 25.21 -11.47
C ASN A 168 -34.86 24.69 -12.30
N ILE A 169 -35.93 24.27 -11.64
CA ILE A 169 -37.11 23.70 -12.29
C ILE A 169 -38.37 24.54 -12.09
N ALA A 170 -38.66 24.84 -10.85
CA ALA A 170 -39.88 25.59 -10.49
C ALA A 170 -39.83 27.07 -10.83
N LYS A 171 -41.02 27.68 -10.87
CA LYS A 171 -41.12 29.11 -11.13
C LYS A 171 -40.59 29.82 -9.89
N SER A 172 -41.05 29.34 -8.74
CA SER A 172 -40.61 29.87 -7.45
C SER A 172 -40.59 28.74 -6.43
N VAL A 173 -39.70 28.86 -5.46
CA VAL A 173 -39.56 27.90 -4.38
C VAL A 173 -39.67 28.67 -3.08
N THR A 174 -40.57 28.24 -2.20
CA THR A 174 -40.76 28.87 -0.90
C THR A 174 -40.32 27.90 0.19
N LEU A 175 -39.21 28.20 0.85
CA LEU A 175 -38.69 27.38 1.95
C LEU A 175 -39.37 27.86 3.23
N ILE A 176 -39.99 26.92 3.95
CA ILE A 176 -40.69 27.19 5.19
C ILE A 176 -39.99 26.44 6.32
N HIS A 177 -39.58 27.16 7.36
CA HIS A 177 -38.88 26.53 8.48
C HIS A 177 -39.31 27.15 9.82
N ARG A 178 -39.47 26.29 10.82
CA ARG A 178 -39.91 26.71 12.17
C ARG A 178 -38.91 27.53 12.99
N ARG A 179 -37.62 27.43 12.68
CA ARG A 179 -36.62 28.20 13.42
C ARG A 179 -36.25 29.50 12.69
N ASP A 180 -35.38 30.28 13.31
CA ASP A 180 -34.91 31.56 12.77
C ASP A 180 -33.65 31.38 11.89
N THR A 181 -32.97 30.24 12.06
CA THR A 181 -31.76 29.93 11.30
C THR A 181 -31.84 28.50 10.75
N LEU A 182 -30.94 28.18 9.81
CA LEU A 182 -30.89 26.86 9.18
C LEU A 182 -29.77 26.01 9.78
N ARG A 183 -30.05 24.72 9.95
CA ARG A 183 -29.09 23.75 10.52
C ARG A 183 -28.45 22.94 9.37
N SER A 184 -27.73 23.63 8.50
CA SER A 184 -27.09 23.07 7.32
C SER A 184 -25.69 23.66 7.14
N GLU A 185 -24.92 23.07 6.23
CA GLU A 185 -23.55 23.54 5.96
C GLU A 185 -23.57 24.99 5.50
N LYS A 186 -22.60 25.79 5.93
CA LYS A 186 -22.55 27.21 5.57
C LYS A 186 -22.46 27.45 4.07
N ILE A 187 -21.72 26.63 3.34
CA ILE A 187 -21.61 26.80 1.88
C ILE A 187 -22.97 26.67 1.19
N LEU A 188 -23.81 25.77 1.67
CA LEU A 188 -25.15 25.57 1.11
C LEU A 188 -26.09 26.71 1.53
N ILE A 189 -25.95 27.21 2.76
CA ILE A 189 -26.76 28.33 3.24
C ILE A 189 -26.49 29.56 2.36
N ASP A 190 -25.21 29.83 2.08
N ASP A 190 -25.21 29.83 2.08
CA ASP A 190 -24.83 30.95 1.22
CA ASP A 190 -24.82 30.96 1.21
C ASP A 190 -25.40 30.82 -0.19
C ASP A 190 -25.40 30.83 -0.19
N LYS A 191 -25.44 29.61 -0.73
CA LYS A 191 -26.01 29.36 -2.07
C LYS A 191 -27.51 29.71 -2.01
N LEU A 192 -28.18 29.22 -0.97
CA LEU A 192 -29.60 29.44 -0.76
C LEU A 192 -29.93 30.94 -0.63
N MET A 193 -29.19 31.62 0.24
CA MET A 193 -29.41 33.05 0.47
C MET A 193 -29.13 33.90 -0.76
N GLU A 194 -28.21 33.45 -1.62
CA GLU A 194 -27.93 34.18 -2.85
C GLU A 194 -29.17 34.14 -3.75
N LYS A 195 -29.77 32.95 -3.86
CA LYS A 195 -30.99 32.77 -4.67
C LYS A 195 -32.21 33.40 -4.02
N ALA A 196 -32.18 33.53 -2.69
CA ALA A 196 -33.30 34.17 -1.98
C ALA A 196 -33.30 35.69 -2.18
N GLN A 197 -32.10 36.25 -2.35
CA GLN A 197 -31.94 37.69 -2.54
C GLN A 197 -32.05 38.12 -4.02
N HIS A 198 -31.54 37.28 -4.93
CA HIS A 198 -31.53 37.60 -6.36
C HIS A 198 -32.21 36.59 -7.30
N GLY A 199 -32.81 35.54 -6.74
CA GLY A 199 -33.43 34.50 -7.57
C GLY A 199 -34.88 34.21 -7.30
N ASN A 200 -35.28 32.96 -7.50
CA ASN A 200 -36.68 32.54 -7.31
C ASN A 200 -36.96 31.79 -6.01
N ILE A 201 -36.18 32.06 -4.96
CA ILE A 201 -36.39 31.42 -3.66
C ILE A 201 -36.85 32.46 -2.65
N ASN A 202 -37.85 32.08 -1.85
CA ASN A 202 -38.40 32.91 -0.77
C ASN A 202 -38.26 32.07 0.49
N ILE A 203 -37.90 32.72 1.59
CA ILE A 203 -37.75 32.01 2.86
C ILE A 203 -38.71 32.61 3.89
N ILE A 204 -39.51 31.74 4.50
CA ILE A 204 -40.46 32.15 5.54
C ILE A 204 -39.94 31.51 6.83
N TRP A 205 -39.45 32.36 7.73
CA TRP A 205 -38.88 31.91 9.00
C TRP A 205 -39.91 31.78 10.08
N ASN A 206 -39.53 31.08 11.16
CA ASN A 206 -40.38 30.89 12.33
C ASN A 206 -41.82 30.52 11.97
N THR A 207 -41.97 29.51 11.12
CA THR A 207 -43.29 29.10 10.64
C THR A 207 -43.41 27.57 10.48
N THR A 208 -44.61 27.06 10.74
CA THR A 208 -44.92 25.64 10.62
C THR A 208 -46.07 25.42 9.67
N LEU A 209 -46.13 24.23 9.08
CA LEU A 209 -47.21 23.84 8.18
C LEU A 209 -48.35 23.27 9.03
N GLU A 210 -49.50 23.94 9.00
CA GLU A 210 -50.67 23.51 9.78
C GLU A 210 -51.55 22.58 8.98
N GLU A 211 -51.77 22.89 7.70
CA GLU A 211 -52.62 22.07 6.86
C GLU A 211 -52.31 22.23 5.37
N VAL A 212 -52.45 21.15 4.63
CA VAL A 212 -52.23 21.12 3.18
C VAL A 212 -53.62 21.14 2.56
N LEU A 213 -53.93 22.21 1.83
CA LEU A 213 -55.23 22.38 1.20
C LEU A 213 -55.20 21.99 -0.27
N GLY A 214 -56.27 21.36 -0.74
CA GLY A 214 -56.37 20.95 -2.13
C GLY A 214 -57.72 20.39 -2.50
N ASP A 215 -57.80 19.80 -3.70
CA ASP A 215 -59.05 19.22 -4.22
C ASP A 215 -58.77 17.93 -5.03
N ASP A 216 -59.76 17.50 -5.80
CA ASP A 216 -59.65 16.28 -6.64
C ASP A 216 -58.42 16.24 -7.55
N MET A 217 -58.03 17.38 -8.12
CA MET A 217 -56.87 17.45 -9.02
C MET A 217 -55.53 17.48 -8.28
N GLY A 218 -55.55 17.84 -6.99
CA GLY A 218 -54.31 17.85 -6.18
C GLY A 218 -54.23 19.02 -5.19
N VAL A 219 -53.02 19.28 -4.71
CA VAL A 219 -52.75 20.38 -3.79
C VAL A 219 -52.77 21.71 -4.55
N ASN A 220 -53.28 22.76 -3.89
CA ASN A 220 -53.33 24.10 -4.48
C ASN A 220 -53.04 25.23 -3.47
N ALA A 221 -52.87 24.88 -2.19
CA ALA A 221 -52.61 25.88 -1.14
C ALA A 221 -52.11 25.25 0.18
N LEU A 222 -51.54 26.08 1.05
CA LEU A 222 -51.03 25.65 2.35
C LEU A 222 -51.44 26.63 3.45
N ARG A 223 -51.82 26.11 4.62
CA ARG A 223 -52.14 26.96 5.77
C ARG A 223 -50.91 26.91 6.67
N ILE A 224 -50.30 28.06 6.91
CA ILE A 224 -49.10 28.15 7.75
C ILE A 224 -49.33 29.09 8.93
N LYS A 225 -48.51 28.92 9.97
CA LYS A 225 -48.62 29.70 11.20
C LYS A 225 -47.25 30.09 11.74
N ASN A 226 -47.10 31.37 12.08
CA ASN A 226 -45.87 31.88 12.66
C ASN A 226 -45.88 31.45 14.13
N ILE A 227 -44.95 30.58 14.51
CA ILE A 227 -44.90 30.05 15.89
C ILE A 227 -44.63 31.11 16.98
N LYS A 228 -44.04 32.24 16.60
CA LYS A 228 -43.75 33.32 17.56
C LYS A 228 -44.91 34.31 17.74
N THR A 229 -45.68 34.56 16.67
CA THR A 229 -46.81 35.50 16.75
C THR A 229 -48.19 34.82 16.72
N ASN A 230 -48.21 33.53 16.33
CA ASN A 230 -49.45 32.75 16.21
C ASN A 230 -50.39 33.27 15.10
N GLU A 231 -49.87 34.12 14.22
CA GLU A 231 -50.62 34.66 13.10
C GLU A 231 -50.58 33.65 11.95
N GLU A 232 -51.75 33.33 11.40
CA GLU A 232 -51.84 32.37 10.30
C GLU A 232 -51.97 33.06 8.95
N SER A 233 -51.48 32.38 7.91
CA SER A 233 -51.54 32.87 6.55
C SER A 233 -51.93 31.73 5.62
N GLN A 234 -52.12 32.04 4.34
CA GLN A 234 -52.46 31.05 3.33
C GLN A 234 -51.83 31.46 2.00
N MET A 235 -50.96 30.60 1.48
CA MET A 235 -50.25 30.84 0.22
C MET A 235 -50.59 29.76 -0.79
N GLY A 236 -50.59 30.12 -2.06
CA GLY A 236 -50.89 29.20 -3.15
C GLY A 236 -49.64 28.42 -3.55
N VAL A 237 -49.77 27.10 -3.63
CA VAL A 237 -48.68 26.24 -4.09
C VAL A 237 -49.24 25.05 -4.88
N ALA A 238 -48.53 24.63 -5.94
CA ALA A 238 -48.94 23.49 -6.75
C ALA A 238 -48.47 22.16 -6.09
N GLY A 239 -47.41 22.24 -5.28
CA GLY A 239 -46.89 21.06 -4.59
C GLY A 239 -45.97 21.43 -3.44
N VAL A 240 -45.97 20.59 -2.41
CA VAL A 240 -45.13 20.81 -1.23
C VAL A 240 -44.18 19.63 -1.06
N PHE A 241 -42.95 19.91 -0.64
CA PHE A 241 -41.92 18.90 -0.42
C PHE A 241 -41.49 18.90 1.05
N ILE A 242 -41.78 17.81 1.75
CA ILE A 242 -41.45 17.67 3.16
C ILE A 242 -40.02 17.16 3.28
N ALA A 243 -39.14 17.99 3.84
CA ALA A 243 -37.74 17.66 4.04
C ALA A 243 -37.31 18.00 5.47
N ILE A 244 -37.93 17.36 6.47
CA ILE A 244 -37.70 17.68 7.88
C ILE A 244 -36.80 16.72 8.66
N GLY A 245 -36.52 15.55 8.11
CA GLY A 245 -35.66 14.59 8.80
C GLY A 245 -35.77 13.21 8.19
N HIS A 246 -34.91 12.32 8.67
CA HIS A 246 -34.84 10.95 8.15
C HIS A 246 -34.82 9.93 9.28
N THR A 247 -35.72 8.96 9.25
CA THR A 247 -35.72 7.88 10.24
C THR A 247 -35.18 6.63 9.56
N PRO A 248 -34.51 5.76 10.33
CA PRO A 248 -33.91 4.57 9.74
C PRO A 248 -34.92 3.52 9.29
N ASN A 249 -34.59 2.86 8.19
CA ASN A 249 -35.44 1.84 7.58
C ASN A 249 -35.03 0.49 8.17
N THR A 250 -35.58 0.17 9.36
CA THR A 250 -35.18 -1.06 10.09
C THR A 250 -36.29 -1.85 10.80
N SER A 251 -37.54 -1.54 10.51
CA SER A 251 -38.65 -2.23 11.19
C SER A 251 -38.61 -3.78 11.12
N ILE A 252 -38.15 -4.34 10.01
CA ILE A 252 -38.09 -5.81 9.85
C ILE A 252 -37.08 -6.52 10.77
N PHE A 253 -36.14 -5.77 11.37
CA PHE A 253 -35.14 -6.35 12.26
C PHE A 253 -35.55 -6.27 13.74
N ALA A 254 -36.72 -5.69 14.01
CA ALA A 254 -37.23 -5.59 15.38
C ALA A 254 -37.35 -6.98 15.99
N GLY A 255 -36.83 -7.13 17.20
CA GLY A 255 -36.85 -8.40 17.91
C GLY A 255 -35.61 -9.26 17.72
N GLN A 256 -34.84 -9.03 16.65
CA GLN A 256 -33.64 -9.83 16.40
C GLN A 256 -32.35 -9.05 16.60
N LEU A 257 -32.34 -7.78 16.21
CA LEU A 257 -31.16 -6.94 16.34
C LEU A 257 -31.38 -5.86 17.39
N GLU A 258 -30.34 -5.60 18.18
CA GLU A 258 -30.41 -4.57 19.21
C GLU A 258 -30.50 -3.22 18.52
N MET A 259 -31.49 -2.42 18.90
CA MET A 259 -31.72 -1.11 18.29
C MET A 259 -32.00 -0.05 19.33
N GLU A 260 -31.80 1.21 18.96
CA GLU A 260 -32.07 2.35 19.84
C GLU A 260 -32.63 3.44 18.94
N ASN A 261 -33.91 3.79 19.17
CA ASN A 261 -34.62 4.81 18.38
C ASN A 261 -34.64 4.47 16.89
N GLY A 262 -34.72 3.17 16.60
CA GLY A 262 -34.74 2.67 15.22
C GLY A 262 -33.36 2.44 14.59
N TYR A 263 -32.30 2.95 15.20
CA TYR A 263 -30.96 2.78 14.68
C TYR A 263 -30.37 1.44 15.14
N ILE A 264 -29.80 0.69 14.22
CA ILE A 264 -29.20 -0.60 14.56
C ILE A 264 -27.89 -0.33 15.29
N LYS A 265 -27.78 -0.89 16.49
CA LYS A 265 -26.58 -0.73 17.29
C LYS A 265 -25.45 -1.54 16.69
N VAL A 266 -24.26 -0.94 16.65
CA VAL A 266 -23.05 -1.62 16.17
C VAL A 266 -22.01 -1.50 17.28
N LYS A 267 -21.05 -2.42 17.25
CA LYS A 267 -20.01 -2.47 18.26
C LYS A 267 -19.14 -1.21 18.27
N SER A 268 -18.84 -0.67 17.09
CA SER A 268 -18.01 0.53 16.96
C SER A 268 -16.64 0.21 17.58
N GLY A 269 -15.96 1.22 18.11
CA GLY A 269 -14.67 0.97 18.77
C GLY A 269 -13.47 0.93 17.85
N LEU A 270 -12.33 0.63 18.46
CA LEU A 270 -11.02 0.63 17.81
C LEU A 270 -10.36 -0.74 17.68
N ALA A 271 -11.07 -1.80 18.00
CA ALA A 271 -10.51 -3.17 17.96
C ALA A 271 -11.03 -4.03 16.80
N GLY A 272 -11.62 -3.40 15.79
CA GLY A 272 -12.17 -4.16 14.66
C GLY A 272 -13.60 -4.59 14.94
N ASP A 273 -14.24 -5.20 13.95
CA ASP A 273 -15.66 -5.62 14.04
C ASP A 273 -16.53 -4.44 14.47
N ALA A 274 -16.15 -3.25 14.03
CA ALA A 274 -16.86 -2.04 14.41
C ALA A 274 -18.28 -1.91 13.84
N THR A 275 -18.60 -2.69 12.80
CA THR A 275 -19.93 -2.63 12.19
C THR A 275 -20.80 -3.82 12.61
N GLN A 276 -20.30 -4.67 13.50
CA GLN A 276 -21.05 -5.86 13.90
C GLN A 276 -22.19 -5.56 14.88
N THR A 277 -23.33 -6.19 14.60
CA THR A 277 -24.52 -6.06 15.45
C THR A 277 -24.40 -7.10 16.57
N ASN A 278 -25.47 -7.29 17.35
CA ASN A 278 -25.44 -8.30 18.41
C ASN A 278 -25.37 -9.72 17.85
N ILE A 279 -25.64 -9.90 16.56
CA ILE A 279 -25.57 -11.21 15.91
C ILE A 279 -24.30 -11.29 15.07
N LYS A 280 -23.44 -12.27 15.36
CA LYS A 280 -22.21 -12.44 14.60
C LYS A 280 -22.56 -12.75 13.16
N GLY A 281 -21.85 -12.11 12.24
CA GLY A 281 -22.08 -12.27 10.81
C GLY A 281 -23.06 -11.26 10.22
N VAL A 282 -23.70 -10.47 11.08
CA VAL A 282 -24.65 -9.45 10.64
C VAL A 282 -24.03 -8.10 10.97
N PHE A 283 -23.82 -7.29 9.94
CA PHE A 283 -23.19 -6.00 10.08
C PHE A 283 -24.12 -4.88 9.59
N ALA A 284 -23.88 -3.67 10.08
CA ALA A 284 -24.68 -2.52 9.70
C ALA A 284 -23.75 -1.33 9.42
N ALA A 285 -24.04 -0.62 8.33
CA ALA A 285 -23.24 0.51 7.90
C ALA A 285 -24.11 1.64 7.38
N GLY A 286 -23.58 2.85 7.42
CA GLY A 286 -24.31 4.01 6.94
C GLY A 286 -25.30 4.58 7.94
N ASP A 287 -26.26 5.34 7.42
CA ASP A 287 -27.26 6.04 8.25
C ASP A 287 -28.14 5.13 9.12
N VAL A 288 -28.22 3.83 8.81
CA VAL A 288 -29.01 2.91 9.63
C VAL A 288 -28.40 2.74 11.01
N ALA A 289 -27.09 2.98 11.11
CA ALA A 289 -26.36 2.84 12.38
C ALA A 289 -25.62 4.11 12.81
N ASP A 290 -25.94 5.25 12.19
CA ASP A 290 -25.30 6.53 12.50
C ASP A 290 -26.36 7.63 12.58
N HIS A 291 -26.60 8.15 13.78
CA HIS A 291 -27.58 9.23 13.96
C HIS A 291 -26.89 10.60 14.25
N VAL A 292 -25.59 10.69 14.00
CA VAL A 292 -24.84 11.92 14.28
C VAL A 292 -24.26 12.62 13.04
N TYR A 293 -23.40 11.92 12.31
CA TYR A 293 -22.69 12.49 11.15
C TYR A 293 -23.50 12.51 9.86
N LYS A 294 -24.02 11.36 9.45
CA LYS A 294 -24.92 11.29 8.29
C LYS A 294 -24.41 11.93 6.97
N GLN A 295 -23.15 11.70 6.66
CA GLN A 295 -22.57 12.22 5.42
C GLN A 295 -22.30 11.04 4.51
N ALA A 296 -22.31 11.30 3.21
CA ALA A 296 -22.04 10.27 2.23
C ALA A 296 -20.64 9.66 2.49
N VAL A 297 -19.67 10.51 2.79
CA VAL A 297 -18.33 10.02 3.04
C VAL A 297 -18.22 9.16 4.33
N THR A 298 -18.98 9.50 5.38
CA THR A 298 -18.96 8.70 6.61
C THR A 298 -19.65 7.36 6.39
N SER A 299 -20.70 7.36 5.57
CA SER A 299 -21.42 6.14 5.23
C SER A 299 -20.51 5.24 4.35
N ALA A 300 -19.78 5.86 3.44
CA ALA A 300 -18.86 5.10 2.59
C ALA A 300 -17.79 4.42 3.46
N GLY A 301 -17.29 5.17 4.46
CA GLY A 301 -16.30 4.63 5.39
C GLY A 301 -16.79 3.39 6.14
N THR A 302 -17.98 3.47 6.74
CA THR A 302 -18.52 2.30 7.48
C THR A 302 -18.92 1.17 6.52
N GLY A 303 -19.26 1.52 5.28
CA GLY A 303 -19.58 0.51 4.28
C GLY A 303 -18.33 -0.31 3.97
N CYS A 304 -17.21 0.39 3.85
CA CYS A 304 -15.92 -0.27 3.64
C CYS A 304 -15.61 -1.17 4.84
N MET A 305 -15.76 -0.62 6.04
CA MET A 305 -15.53 -1.34 7.29
C MET A 305 -16.38 -2.62 7.37
N ALA A 306 -17.64 -2.51 6.96
CA ALA A 306 -18.56 -3.65 6.99
C ALA A 306 -18.09 -4.78 6.07
N ALA A 307 -17.58 -4.41 4.91
CA ALA A 307 -17.09 -5.41 3.96
C ALA A 307 -15.86 -6.13 4.51
N LEU A 308 -14.95 -5.37 5.15
CA LEU A 308 -13.76 -5.96 5.75
C LEU A 308 -14.11 -6.82 6.97
N ASP A 309 -15.10 -6.38 7.77
CA ASP A 309 -15.55 -7.16 8.93
C ASP A 309 -16.16 -8.48 8.42
N ALA A 310 -16.98 -8.39 7.37
CA ALA A 310 -17.61 -9.57 6.80
C ALA A 310 -16.58 -10.55 6.23
N GLU A 311 -15.54 -10.00 5.57
CA GLU A 311 -14.47 -10.83 5.01
C GLU A 311 -13.80 -11.66 6.12
N LYS A 312 -13.54 -11.04 7.26
CA LYS A 312 -12.90 -11.74 8.40
C LYS A 312 -13.82 -12.83 8.95
N TYR A 313 -15.11 -12.54 9.03
CA TYR A 313 -16.08 -13.53 9.53
C TYR A 313 -16.13 -14.75 8.57
N LEU A 314 -16.09 -14.49 7.26
CA LEU A 314 -16.11 -15.59 6.27
C LEU A 314 -14.82 -16.41 6.28
N ASP A 315 -13.68 -15.78 6.50
CA ASP A 315 -12.39 -16.50 6.55
C ASP A 315 -12.34 -17.52 7.69
N ASN A 316 -12.98 -17.19 8.81
CA ASN A 316 -13.00 -18.07 9.99
C ASN A 316 -14.21 -19.01 10.10
N LEU A 317 -14.98 -19.17 9.03
CA LEU A 317 -16.16 -20.05 9.04
C LEU A 317 -15.76 -21.52 8.81
N ASP A 318 -15.04 -21.79 7.71
CA ASP A 318 -14.58 -23.15 7.35
C ASP A 318 -15.73 -24.08 6.93
N ALA B 5 -1.46 36.55 17.16
CA ALA B 5 -0.32 36.48 16.17
C ALA B 5 -0.59 35.51 15.01
N ASN B 6 -0.06 34.28 15.11
CA ASN B 6 -0.25 33.26 14.04
C ASN B 6 -1.33 32.27 14.56
N HIS B 7 -2.41 32.87 15.05
CA HIS B 7 -3.56 32.17 15.64
C HIS B 7 -4.63 31.82 14.62
N HIS B 8 -5.22 30.64 14.79
CA HIS B 8 -6.29 30.15 13.89
C HIS B 8 -7.31 29.35 14.69
N LYS B 9 -8.57 29.40 14.26
CA LYS B 9 -9.62 28.64 14.95
C LYS B 9 -9.41 27.14 14.83
N LEU B 10 -8.97 26.69 13.66
CA LEU B 10 -8.74 25.27 13.42
C LEU B 10 -7.46 25.03 12.63
N ILE B 11 -6.62 24.13 13.14
CA ILE B 11 -5.40 23.71 12.44
C ILE B 11 -5.48 22.19 12.28
N ILE B 12 -5.18 21.73 11.08
CA ILE B 12 -5.18 20.33 10.72
C ILE B 12 -3.76 19.89 10.42
N LEU B 13 -3.30 18.82 11.06
CA LEU B 13 -1.95 18.32 10.81
C LEU B 13 -2.04 17.08 9.93
N GLY B 14 -1.48 17.17 8.74
CA GLY B 14 -1.46 16.01 7.85
C GLY B 14 -1.80 16.32 6.43
N SER B 15 -1.58 15.34 5.56
CA SER B 15 -1.81 15.54 4.13
C SER B 15 -2.40 14.32 3.45
N GLY B 16 -3.04 13.44 4.22
CA GLY B 16 -3.64 12.23 3.66
C GLY B 16 -5.13 12.46 3.42
N PRO B 17 -5.86 11.39 3.08
CA PRO B 17 -7.31 11.50 2.90
C PRO B 17 -8.07 12.11 4.10
N ALA B 18 -7.62 11.82 5.33
CA ALA B 18 -8.26 12.34 6.53
C ALA B 18 -8.06 13.84 6.66
N GLY B 19 -6.83 14.28 6.52
CA GLY B 19 -6.51 15.70 6.60
C GLY B 19 -7.21 16.49 5.52
N TYR B 20 -7.15 15.98 4.30
CA TYR B 20 -7.79 16.62 3.16
C TYR B 20 -9.32 16.71 3.34
N THR B 21 -9.94 15.61 3.74
CA THR B 21 -11.40 15.60 3.93
C THR B 21 -11.80 16.52 5.09
N ALA B 22 -10.99 16.54 6.15
CA ALA B 22 -11.27 17.42 7.29
C ALA B 22 -11.25 18.88 6.85
N ALA B 23 -10.28 19.23 5.99
CA ALA B 23 -10.16 20.61 5.48
C ALA B 23 -11.37 21.01 4.63
N ILE B 24 -11.80 20.10 3.74
CA ILE B 24 -12.95 20.37 2.89
C ILE B 24 -14.17 20.70 3.74
N TYR B 25 -14.49 19.82 4.69
CA TYR B 25 -15.65 20.04 5.56
C TYR B 25 -15.53 21.27 6.44
N ALA B 26 -14.34 21.50 6.97
CA ALA B 26 -14.10 22.67 7.80
C ALA B 26 -14.29 23.93 6.97
N ALA B 27 -13.81 23.89 5.72
CA ALA B 27 -13.94 25.03 4.81
C ALA B 27 -15.40 25.28 4.45
N ARG B 28 -16.17 24.21 4.29
CA ARG B 28 -17.59 24.30 3.96
C ARG B 28 -18.39 24.92 5.11
N ALA B 29 -17.83 24.81 6.32
CA ALA B 29 -18.43 25.40 7.52
C ALA B 29 -17.81 26.77 7.79
N ASN B 30 -17.07 27.28 6.82
CA ASN B 30 -16.39 28.58 6.89
C ASN B 30 -15.50 28.76 8.14
N LEU B 31 -14.80 27.69 8.52
CA LEU B 31 -13.90 27.73 9.67
C LEU B 31 -12.49 28.20 9.29
N LYS B 32 -12.25 28.43 8.00
CA LYS B 32 -10.95 28.89 7.50
C LYS B 32 -9.82 28.02 8.08
N PRO B 33 -9.86 26.72 7.75
CA PRO B 33 -8.86 25.82 8.28
C PRO B 33 -7.48 26.06 7.68
N VAL B 34 -6.47 25.68 8.44
CA VAL B 34 -5.09 25.75 8.04
C VAL B 34 -4.56 24.33 8.09
N ILE B 35 -4.02 23.85 6.98
CA ILE B 35 -3.42 22.53 6.94
C ILE B 35 -1.92 22.72 7.01
N ILE B 36 -1.29 22.11 8.04
CA ILE B 36 0.15 22.16 8.18
C ILE B 36 0.65 20.79 7.77
N THR B 37 1.33 20.73 6.64
CA THR B 37 1.88 19.47 6.14
C THR B 37 3.41 19.51 6.06
N GLY B 38 4.04 18.39 6.46
CA GLY B 38 5.49 18.26 6.47
C GLY B 38 6.15 17.88 5.16
N MET B 39 5.42 17.98 4.06
CA MET B 39 5.94 17.71 2.72
C MET B 39 6.64 19.00 2.23
N GLN B 40 6.86 19.12 0.92
CA GLN B 40 7.50 20.32 0.34
C GLN B 40 7.12 20.52 -1.13
N ARG B 76 -14.40 33.40 0.28
CA ARG B 76 -14.89 32.63 1.40
C ARG B 76 -14.77 31.12 1.15
N PHE B 77 -15.01 30.36 2.21
CA PHE B 77 -14.96 28.90 2.18
C PHE B 77 -13.64 28.38 1.61
N ASP B 78 -12.54 29.07 1.96
CA ASP B 78 -11.19 28.70 1.52
C ASP B 78 -10.39 27.96 2.58
N THR B 79 -9.31 27.33 2.11
CA THR B 79 -8.38 26.56 2.92
C THR B 79 -6.99 27.13 2.70
N GLN B 80 -6.22 27.25 3.76
CA GLN B 80 -4.84 27.74 3.68
C GLN B 80 -3.90 26.55 3.92
N ILE B 81 -2.87 26.42 3.06
CA ILE B 81 -1.90 25.34 3.18
C ILE B 81 -0.54 25.90 3.59
N VAL B 82 -0.01 25.40 4.71
CA VAL B 82 1.27 25.82 5.25
C VAL B 82 2.21 24.63 5.20
N TYR B 83 3.40 24.85 4.63
CA TYR B 83 4.41 23.81 4.52
C TYR B 83 5.42 24.02 5.64
N ASP B 84 5.27 23.21 6.69
CA ASP B 84 6.11 23.30 7.86
C ASP B 84 6.07 21.94 8.58
N THR B 85 6.98 21.71 9.51
CA THR B 85 7.02 20.47 10.26
C THR B 85 6.94 20.81 11.73
N ILE B 86 5.91 20.29 12.40
CA ILE B 86 5.72 20.55 13.82
C ILE B 86 6.61 19.56 14.57
N ASN B 87 7.50 20.08 15.41
CA ASN B 87 8.43 19.25 16.19
C ASN B 87 8.07 19.18 17.69
N ALA B 88 7.12 20.00 18.12
CA ALA B 88 6.68 20.01 19.52
C ALA B 88 5.33 20.71 19.65
N VAL B 89 4.55 20.29 20.65
CA VAL B 89 3.23 20.86 20.91
C VAL B 89 2.97 20.97 22.41
N ASP B 90 2.16 21.98 22.78
CA ASP B 90 1.74 22.18 24.18
C ASP B 90 0.22 22.25 24.12
N LEU B 91 -0.43 21.17 24.57
CA LEU B 91 -1.89 21.07 24.54
C LEU B 91 -2.52 21.21 25.93
N GLN B 92 -1.72 21.62 26.92
CA GLN B 92 -2.17 21.76 28.30
C GLN B 92 -2.90 23.08 28.60
N ASN B 93 -2.75 24.07 27.72
CA ASN B 93 -3.43 25.36 27.89
C ASN B 93 -4.18 25.76 26.63
N LYS B 94 -5.04 26.76 26.76
CA LYS B 94 -5.81 27.32 25.66
C LYS B 94 -5.26 28.73 25.39
N PRO B 95 -4.88 29.05 24.14
CA PRO B 95 -4.96 28.17 22.99
C PRO B 95 -3.84 27.13 22.94
N PHE B 96 -4.01 26.11 22.10
CA PHE B 96 -3.00 25.07 21.93
C PHE B 96 -1.84 25.68 21.18
N LYS B 97 -0.62 25.28 21.51
CA LYS B 97 0.58 25.82 20.86
C LYS B 97 1.26 24.74 20.03
N LEU B 98 1.64 25.11 18.81
CA LEU B 98 2.33 24.22 17.90
C LEU B 98 3.65 24.88 17.54
N VAL B 99 4.76 24.15 17.67
CA VAL B 99 6.07 24.69 17.36
C VAL B 99 6.60 24.13 16.04
N GLY B 100 6.76 25.00 15.05
CA GLY B 100 7.31 24.63 13.73
C GLY B 100 8.80 24.88 13.68
N GLU B 101 9.39 24.73 12.49
CA GLU B 101 10.83 24.97 12.28
C GLU B 101 11.29 26.36 12.72
N VAL B 102 10.48 27.37 12.39
CA VAL B 102 10.79 28.78 12.73
C VAL B 102 9.57 29.52 13.26
N GLU B 103 8.37 29.17 12.80
CA GLU B 103 7.13 29.79 13.27
C GLU B 103 6.43 28.98 14.37
N GLN B 104 5.71 29.70 15.22
CA GLN B 104 4.90 29.09 16.28
C GLN B 104 3.46 29.41 15.93
N TYR B 105 2.56 28.47 16.18
CA TYR B 105 1.16 28.64 15.85
C TYR B 105 0.31 28.39 17.08
N THR B 106 -0.88 28.99 17.11
CA THR B 106 -1.83 28.76 18.18
C THR B 106 -3.18 28.44 17.53
N CYS B 107 -4.00 27.65 18.21
CA CYS B 107 -5.30 27.30 17.69
C CYS B 107 -6.28 26.90 18.78
N ASP B 108 -7.57 27.06 18.48
CA ASP B 108 -8.65 26.71 19.40
C ASP B 108 -9.00 25.23 19.31
N THR B 109 -8.86 24.65 18.13
CA THR B 109 -9.08 23.23 17.91
C THR B 109 -7.97 22.70 17.03
N LEU B 110 -7.65 21.43 17.25
CA LEU B 110 -6.60 20.75 16.52
C LEU B 110 -7.09 19.42 16.01
N ILE B 111 -6.87 19.16 14.72
CA ILE B 111 -7.21 17.89 14.09
C ILE B 111 -5.89 17.22 13.71
N ILE B 112 -5.56 16.13 14.38
CA ILE B 112 -4.34 15.38 14.12
C ILE B 112 -4.65 14.30 13.10
N ALA B 113 -4.02 14.38 11.93
CA ALA B 113 -4.20 13.39 10.86
C ALA B 113 -2.87 13.15 10.17
N THR B 114 -1.85 12.94 11.00
CA THR B 114 -0.47 12.75 10.52
C THR B 114 -0.18 11.39 9.85
N GLY B 115 -1.16 10.51 9.81
CA GLY B 115 -1.03 9.22 9.15
C GLY B 115 -0.08 8.24 9.77
N ALA B 116 0.29 7.28 8.96
CA ALA B 116 1.24 6.24 9.38
C ALA B 116 2.14 5.88 8.26
N THR B 117 3.43 5.67 8.54
CA THR B 117 4.39 5.35 7.48
C THR B 117 5.34 4.29 7.94
N ALA B 118 5.77 3.43 7.03
CA ALA B 118 6.80 2.43 7.36
C ALA B 118 8.14 3.10 7.73
N LYS B 119 8.77 2.62 8.78
CA LYS B 119 10.09 3.10 9.18
C LYS B 119 11.03 1.96 8.87
N TYR B 120 12.17 2.28 8.25
CA TYR B 120 13.21 1.30 7.96
C TYR B 120 14.45 1.70 8.73
N LEU B 121 14.50 2.98 9.07
CA LEU B 121 15.59 3.59 9.84
C LEU B 121 15.10 4.17 11.19
N GLY B 122 15.97 4.13 12.20
CA GLY B 122 15.66 4.72 13.49
C GLY B 122 15.10 3.78 14.53
N LEU B 123 15.26 2.49 14.31
CA LEU B 123 14.80 1.48 15.28
C LEU B 123 15.83 1.43 16.39
N GLU B 124 15.42 1.01 17.59
CA GLU B 124 16.37 0.92 18.71
C GLU B 124 17.48 -0.12 18.46
N SER B 125 18.70 0.30 18.81
CA SER B 125 19.92 -0.48 18.64
C SER B 125 20.31 -0.73 17.20
N GLU B 126 19.66 -0.05 16.26
CA GLU B 126 19.88 -0.25 14.85
C GLU B 126 21.18 0.42 14.42
N GLU B 127 21.30 1.71 14.76
CA GLU B 127 22.46 2.52 14.43
C GLU B 127 23.77 1.79 14.69
N LYS B 128 23.89 1.14 15.85
CA LYS B 128 25.10 0.35 16.14
C LYS B 128 25.15 -0.96 15.34
N PHE B 129 24.01 -1.61 15.11
CA PHE B 129 24.01 -2.92 14.43
C PHE B 129 23.39 -2.95 13.03
N MET B 130 23.20 -1.79 12.39
CA MET B 130 22.56 -1.75 11.04
C MET B 130 23.27 -2.67 10.06
N GLY B 131 22.49 -3.44 9.29
CA GLY B 131 23.03 -4.39 8.31
C GLY B 131 24.10 -5.30 8.89
N LYS B 132 23.92 -5.68 10.15
CA LYS B 132 24.89 -6.50 10.85
C LYS B 132 24.21 -7.19 12.03
N GLY B 133 22.89 -7.38 11.91
CA GLY B 133 22.09 -8.00 12.95
C GLY B 133 20.74 -7.37 13.17
N VAL B 134 20.61 -6.06 12.90
CA VAL B 134 19.29 -5.40 13.08
C VAL B 134 18.81 -4.87 11.74
N SER B 135 17.56 -5.18 11.41
CA SER B 135 16.98 -4.78 10.14
C SER B 135 15.48 -4.71 10.25
N ALA B 136 14.86 -4.04 9.30
CA ALA B 136 13.39 -3.93 9.24
C ALA B 136 12.91 -4.35 7.86
N CYS B 137 13.80 -5.00 7.11
CA CYS B 137 13.49 -5.43 5.76
C CYS B 137 14.11 -6.80 5.50
N ALA B 138 13.29 -7.84 5.65
CA ALA B 138 13.72 -9.22 5.42
C ALA B 138 14.10 -9.46 3.96
N THR B 139 13.38 -8.80 3.04
CA THR B 139 13.66 -8.94 1.60
C THR B 139 14.90 -8.15 1.19
N CYS B 140 15.43 -7.33 2.09
CA CYS B 140 16.64 -6.56 1.81
C CYS B 140 17.89 -7.34 2.23
N ASP B 141 18.00 -7.69 3.51
CA ASP B 141 19.22 -8.41 3.97
C ASP B 141 18.97 -9.78 4.57
N GLY B 142 17.80 -10.36 4.31
CA GLY B 142 17.49 -11.72 4.81
C GLY B 142 18.40 -12.81 4.25
N PHE B 143 18.88 -12.60 3.03
CA PHE B 143 19.74 -13.55 2.35
C PHE B 143 21.11 -13.74 3.01
N PHE B 144 21.50 -12.83 3.92
CA PHE B 144 22.77 -12.94 4.63
C PHE B 144 22.67 -13.86 5.86
N TYR B 145 21.49 -14.45 6.10
CA TYR B 145 21.29 -15.31 7.26
C TYR B 145 20.93 -16.75 6.86
N LYS B 146 21.59 -17.23 5.80
CA LYS B 146 21.38 -18.58 5.32
C LYS B 146 21.97 -19.55 6.36
N ASN B 147 21.16 -20.50 6.79
CA ASN B 147 21.51 -21.50 7.81
C ASN B 147 21.91 -20.89 9.16
N LYS B 148 21.25 -19.77 9.51
CA LYS B 148 21.47 -19.09 10.78
C LYS B 148 20.15 -18.92 11.53
N ASP B 149 20.23 -18.70 12.83
CA ASP B 149 19.04 -18.50 13.67
C ASP B 149 18.69 -17.02 13.69
N VAL B 150 17.45 -16.70 13.33
CA VAL B 150 17.00 -15.31 13.30
C VAL B 150 15.67 -15.15 14.01
N ALA B 151 15.33 -13.90 14.30
CA ALA B 151 14.08 -13.57 14.96
C ALA B 151 13.33 -12.49 14.21
N VAL B 152 12.02 -12.48 14.38
CA VAL B 152 11.15 -11.50 13.78
C VAL B 152 10.28 -10.96 14.91
N VAL B 153 10.20 -9.64 15.03
CA VAL B 153 9.41 -8.99 16.07
C VAL B 153 8.18 -8.33 15.45
N GLY B 154 6.99 -8.74 15.89
CA GLY B 154 5.73 -8.20 15.37
C GLY B 154 4.66 -9.27 15.26
N GLY B 155 3.43 -8.86 14.98
CA GLY B 155 2.30 -9.80 14.88
C GLY B 155 1.28 -9.50 13.79
N GLY B 156 1.61 -8.56 12.89
CA GLY B 156 0.74 -8.19 11.77
C GLY B 156 1.11 -8.97 10.52
N ASN B 157 0.59 -8.54 9.38
CA ASN B 157 0.88 -9.18 8.09
C ASN B 157 2.37 -9.10 7.76
N THR B 158 2.98 -7.96 8.05
CA THR B 158 4.39 -7.75 7.74
C THR B 158 5.27 -8.77 8.48
N ALA B 159 5.00 -8.97 9.76
CA ALA B 159 5.76 -9.91 10.59
C ALA B 159 5.58 -11.34 10.13
N VAL B 160 4.34 -11.73 9.85
CA VAL B 160 4.04 -13.08 9.41
C VAL B 160 4.70 -13.35 8.05
N GLU B 161 4.55 -12.39 7.11
CA GLU B 161 5.14 -12.55 5.78
C GLU B 161 6.67 -12.59 5.83
N GLU B 162 7.27 -11.81 6.72
CA GLU B 162 8.73 -11.82 6.85
C GLU B 162 9.22 -13.13 7.48
N ALA B 163 8.48 -13.64 8.46
CA ALA B 163 8.84 -14.93 9.09
C ALA B 163 8.76 -16.05 8.05
N LEU B 164 7.69 -16.05 7.26
CA LEU B 164 7.51 -17.04 6.20
C LEU B 164 8.59 -16.93 5.15
N PHE B 165 8.97 -15.71 4.79
CA PHE B 165 10.02 -15.48 3.79
C PHE B 165 11.36 -15.96 4.33
N LEU B 166 11.66 -15.64 5.59
CA LEU B 166 12.91 -16.04 6.22
C LEU B 166 13.01 -17.55 6.51
N SER B 167 11.88 -18.26 6.58
CA SER B 167 11.91 -19.71 6.84
C SER B 167 12.63 -20.48 5.73
N ASN B 168 12.48 -20.03 4.50
CA ASN B 168 13.11 -20.67 3.32
C ASN B 168 14.61 -20.39 3.23
N ILE B 169 15.11 -19.52 4.09
CA ILE B 169 16.53 -19.13 4.11
C ILE B 169 17.24 -19.52 5.39
N ALA B 170 16.67 -19.12 6.52
CA ALA B 170 17.26 -19.35 7.84
C ALA B 170 17.18 -20.80 8.32
N LYS B 171 17.99 -21.12 9.32
CA LYS B 171 17.99 -22.43 9.93
C LYS B 171 16.71 -22.52 10.74
N SER B 172 16.45 -21.45 11.51
CA SER B 172 15.23 -21.35 12.30
C SER B 172 14.79 -19.90 12.38
N VAL B 173 13.49 -19.70 12.52
CA VAL B 173 12.91 -18.37 12.63
C VAL B 173 12.06 -18.36 13.89
N THR B 174 12.32 -17.38 14.76
CA THR B 174 11.57 -17.23 16.01
C THR B 174 10.76 -15.94 15.94
N LEU B 175 9.44 -16.07 15.84
CA LEU B 175 8.53 -14.94 15.78
C LEU B 175 8.19 -14.56 17.22
N ILE B 176 8.42 -13.29 17.55
CA ILE B 176 8.18 -12.75 18.90
C ILE B 176 7.10 -11.67 18.80
N HIS B 177 6.02 -11.79 19.57
CA HIS B 177 4.92 -10.82 19.53
C HIS B 177 4.36 -10.54 20.93
N ARG B 178 4.07 -9.26 21.18
CA ARG B 178 3.55 -8.81 22.49
C ARG B 178 2.13 -9.25 22.85
N ARG B 179 1.31 -9.57 21.85
CA ARG B 179 -0.06 -9.98 22.13
C ARG B 179 -0.18 -11.52 22.16
N ASP B 180 -1.40 -11.95 22.49
CA ASP B 180 -1.78 -13.35 22.64
C ASP B 180 -2.27 -13.94 21.30
N THR B 181 -2.61 -13.07 20.33
CA THR B 181 -3.08 -13.48 19.01
C THR B 181 -2.36 -12.67 17.93
N LEU B 182 -2.45 -13.12 16.68
CA LEU B 182 -1.84 -12.41 15.54
C LEU B 182 -2.92 -11.63 14.77
N ARG B 183 -2.57 -10.42 14.35
CA ARG B 183 -3.48 -9.52 13.63
C ARG B 183 -3.17 -9.56 12.13
N SER B 184 -3.33 -10.72 11.53
CA SER B 184 -3.03 -10.94 10.11
C SER B 184 -4.11 -11.77 9.43
N GLU B 185 -4.05 -11.83 8.10
CA GLU B 185 -5.04 -12.61 7.33
C GLU B 185 -4.95 -14.08 7.73
N LYS B 186 -6.11 -14.75 7.79
CA LYS B 186 -6.16 -16.15 8.19
C LYS B 186 -5.34 -17.09 7.31
N ILE B 187 -5.31 -16.83 6.00
CA ILE B 187 -4.54 -17.69 5.09
C ILE B 187 -3.04 -17.68 5.46
N LEU B 188 -2.53 -16.51 5.85
CA LEU B 188 -1.13 -16.38 6.25
C LEU B 188 -0.88 -17.00 7.62
N ILE B 189 -1.84 -16.88 8.54
CA ILE B 189 -1.70 -17.48 9.88
C ILE B 189 -1.61 -18.99 9.74
N ASP B 190 -2.46 -19.58 8.90
CA ASP B 190 -2.44 -21.03 8.67
C ASP B 190 -1.10 -21.49 8.08
N LYS B 191 -0.51 -20.68 7.18
CA LYS B 191 0.79 -21.01 6.60
C LYS B 191 1.85 -21.01 7.70
N LEU B 192 1.80 -19.97 8.54
CA LEU B 192 2.74 -19.79 9.66
C LEU B 192 2.64 -20.95 10.64
N MET B 193 1.42 -21.28 11.05
CA MET B 193 1.20 -22.37 12.00
C MET B 193 1.61 -23.72 11.46
N GLU B 194 1.51 -23.91 10.15
CA GLU B 194 1.92 -25.18 9.52
C GLU B 194 3.44 -25.33 9.69
N LYS B 195 4.18 -24.24 9.44
CA LYS B 195 5.64 -24.24 9.60
C LYS B 195 6.05 -24.27 11.07
N ALA B 196 5.20 -23.77 11.95
CA ALA B 196 5.50 -23.77 13.39
C ALA B 196 5.36 -25.19 13.97
N GLN B 197 4.44 -25.96 13.40
CA GLN B 197 4.17 -27.33 13.83
C GLN B 197 5.06 -28.38 13.17
N HIS B 198 5.39 -28.17 11.90
CA HIS B 198 6.20 -29.13 11.13
C HIS B 198 7.48 -28.57 10.49
N GLY B 199 7.79 -27.29 10.72
CA GLY B 199 8.97 -26.69 10.11
C GLY B 199 9.96 -26.06 11.08
N ASN B 200 10.62 -25.00 10.61
CA ASN B 200 11.64 -24.30 11.39
C ASN B 200 11.17 -22.97 12.00
N ILE B 201 9.89 -22.85 12.31
CA ILE B 201 9.37 -21.62 12.95
C ILE B 201 8.93 -21.89 14.38
N ASN B 202 9.28 -20.98 15.29
CA ASN B 202 8.91 -21.04 16.70
C ASN B 202 8.22 -19.72 17.00
N ILE B 203 7.19 -19.74 17.85
CA ILE B 203 6.43 -18.55 18.18
C ILE B 203 6.45 -18.31 19.68
N ILE B 204 6.83 -17.10 20.10
CA ILE B 204 6.86 -16.72 21.50
C ILE B 204 5.80 -15.64 21.66
N TRP B 205 4.71 -15.96 22.38
CA TRP B 205 3.62 -15.00 22.61
C TRP B 205 3.84 -14.12 23.83
N ASN B 206 3.02 -13.06 23.93
CA ASN B 206 3.04 -12.12 25.05
C ASN B 206 4.46 -11.73 25.49
N THR B 207 5.26 -11.30 24.52
CA THR B 207 6.65 -10.93 24.77
C THR B 207 7.12 -9.73 23.94
N THR B 208 8.00 -8.92 24.54
CA THR B 208 8.57 -7.74 23.88
C THR B 208 10.09 -7.81 23.87
N LEU B 209 10.69 -7.10 22.92
CA LEU B 209 12.15 -7.03 22.81
C LEU B 209 12.64 -5.89 23.69
N GLU B 210 13.43 -6.22 24.70
CA GLU B 210 13.98 -5.22 25.63
C GLU B 210 15.32 -4.68 25.17
N GLU B 211 16.19 -5.57 24.68
CA GLU B 211 17.51 -5.14 24.23
C GLU B 211 18.13 -6.11 23.24
N VAL B 212 18.89 -5.55 22.29
CA VAL B 212 19.59 -6.34 21.27
C VAL B 212 21.04 -6.40 21.74
N LEU B 213 21.52 -7.59 22.04
CA LEU B 213 22.89 -7.79 22.50
C LEU B 213 23.81 -8.25 21.37
N GLY B 214 25.03 -7.74 21.37
CA GLY B 214 26.03 -8.08 20.34
C GLY B 214 27.34 -7.34 20.55
N ASP B 215 28.20 -7.39 19.54
CA ASP B 215 29.51 -6.74 19.58
C ASP B 215 29.89 -6.13 18.22
N ASP B 216 31.16 -5.77 18.06
CA ASP B 216 31.67 -5.16 16.81
C ASP B 216 31.35 -5.97 15.54
N MET B 217 31.41 -7.31 15.64
CA MET B 217 31.13 -8.17 14.48
C MET B 217 29.65 -8.34 14.19
N GLY B 218 28.79 -8.06 15.18
CA GLY B 218 27.35 -8.17 14.98
C GLY B 218 26.54 -8.62 16.17
N VAL B 219 25.26 -8.86 15.89
CA VAL B 219 24.31 -9.29 16.92
C VAL B 219 24.54 -10.78 17.20
N ASN B 220 24.35 -11.18 18.46
CA ASN B 220 24.49 -12.59 18.85
C ASN B 220 23.46 -13.05 19.89
N ALA B 221 22.62 -12.13 20.39
CA ALA B 221 21.60 -12.47 21.39
C ALA B 221 20.55 -11.36 21.58
N LEU B 222 19.42 -11.71 22.20
CA LEU B 222 18.32 -10.80 22.46
C LEU B 222 17.80 -10.94 23.88
N ARG B 223 17.48 -9.82 24.54
CA ARG B 223 16.87 -9.87 25.87
C ARG B 223 15.40 -9.60 25.67
N ILE B 224 14.57 -10.57 26.06
CA ILE B 224 13.10 -10.44 25.91
C ILE B 224 12.40 -10.56 27.27
N LYS B 225 11.18 -10.04 27.33
CA LYS B 225 10.39 -10.02 28.56
C LYS B 225 8.93 -10.36 28.30
N ASN B 226 8.39 -11.28 29.10
CA ASN B 226 6.99 -11.67 28.99
C ASN B 226 6.20 -10.55 29.68
N ILE B 227 5.40 -9.81 28.91
CA ILE B 227 4.62 -8.68 29.46
C ILE B 227 3.56 -9.06 30.52
N LYS B 228 3.14 -10.32 30.54
CA LYS B 228 2.16 -10.79 31.53
C LYS B 228 2.79 -11.28 32.85
N THR B 229 3.99 -11.87 32.77
CA THR B 229 4.66 -12.36 33.98
C THR B 229 5.88 -11.51 34.40
N ASN B 230 6.34 -10.64 33.50
CA ASN B 230 7.52 -9.78 33.73
C ASN B 230 8.83 -10.57 33.89
N GLU B 231 8.80 -11.85 33.49
CA GLU B 231 9.98 -12.70 33.57
C GLU B 231 10.80 -12.47 32.29
N GLU B 232 12.10 -12.24 32.46
CA GLU B 232 12.99 -12.01 31.32
C GLU B 232 13.78 -13.25 30.95
N SER B 233 14.12 -13.35 29.67
CA SER B 233 14.88 -14.48 29.13
C SER B 233 15.93 -13.94 28.17
N GLN B 234 16.78 -14.84 27.67
CA GLN B 234 17.83 -14.48 26.73
C GLN B 234 18.06 -15.64 25.76
N MET B 235 17.85 -15.36 24.47
CA MET B 235 18.01 -16.36 23.41
C MET B 235 19.11 -15.92 22.45
N GLY B 236 19.81 -16.89 21.88
CA GLY B 236 20.88 -16.63 20.90
C GLY B 236 20.27 -16.44 19.51
N VAL B 237 20.66 -15.36 18.84
CA VAL B 237 20.17 -15.02 17.50
C VAL B 237 21.29 -14.35 16.71
N ALA B 238 21.39 -14.68 15.43
CA ALA B 238 22.41 -14.08 14.54
C ALA B 238 21.92 -12.73 13.98
N GLY B 239 20.60 -12.56 13.91
CA GLY B 239 20.00 -11.31 13.43
C GLY B 239 18.53 -11.21 13.78
N VAL B 240 18.05 -9.97 13.99
CA VAL B 240 16.66 -9.73 14.33
C VAL B 240 16.02 -8.83 13.27
N PHE B 241 14.76 -9.10 12.95
CA PHE B 241 14.01 -8.32 11.97
C PHE B 241 12.79 -7.69 12.61
N ILE B 242 12.77 -6.36 12.68
CA ILE B 242 11.67 -5.63 13.28
C ILE B 242 10.58 -5.42 12.21
N ALA B 243 9.41 -6.04 12.43
CA ALA B 243 8.30 -6.00 11.50
C ALA B 243 7.00 -5.56 12.15
N ILE B 244 6.92 -4.24 12.30
CA ILE B 244 5.70 -3.58 12.83
C ILE B 244 4.77 -2.95 11.77
N GLY B 245 5.26 -2.77 10.54
CA GLY B 245 4.44 -2.24 9.44
C GLY B 245 4.45 -0.74 9.40
N HIS B 246 3.39 -0.13 8.91
CA HIS B 246 3.28 1.35 8.96
C HIS B 246 2.97 1.72 10.41
N THR B 247 3.81 2.57 11.02
CA THR B 247 3.61 2.97 12.41
C THR B 247 3.08 4.38 12.41
N PRO B 248 2.24 4.71 13.39
CA PRO B 248 1.68 6.05 13.47
C PRO B 248 2.72 7.13 13.81
N ASN B 249 2.55 8.29 13.20
CA ASN B 249 3.44 9.43 13.40
C ASN B 249 2.86 10.26 14.56
N THR B 250 3.20 9.86 15.78
CA THR B 250 2.64 10.48 16.98
C THR B 250 3.58 10.69 18.16
N SER B 251 4.88 10.52 17.97
CA SER B 251 5.84 10.69 19.08
C SER B 251 5.76 12.05 19.79
N ILE B 252 5.47 13.13 19.06
CA ILE B 252 5.37 14.47 19.69
C ILE B 252 4.20 14.65 20.67
N PHE B 253 3.21 13.76 20.62
CA PHE B 253 2.04 13.84 21.52
C PHE B 253 2.19 12.98 22.79
N ALA B 254 3.31 12.27 22.90
CA ALA B 254 3.58 11.42 24.06
C ALA B 254 3.52 12.24 25.33
N GLY B 255 2.78 11.71 26.31
CA GLY B 255 2.61 12.38 27.60
C GLY B 255 1.41 13.32 27.70
N GLN B 256 0.86 13.74 26.57
CA GLN B 256 -0.30 14.66 26.59
C GLN B 256 -1.59 13.98 26.11
N LEU B 257 -1.48 13.10 25.11
CA LEU B 257 -2.63 12.40 24.57
C LEU B 257 -2.55 10.92 24.91
N GLU B 258 -3.70 10.34 25.26
CA GLU B 258 -3.78 8.93 25.58
C GLU B 258 -3.51 8.13 24.30
N MET B 259 -2.56 7.20 24.36
CA MET B 259 -2.18 6.38 23.22
C MET B 259 -2.08 4.91 23.57
N GLU B 260 -2.16 4.06 22.56
CA GLU B 260 -2.05 2.61 22.73
C GLU B 260 -1.29 2.11 21.51
N ASN B 261 -0.08 1.60 21.74
CA ASN B 261 0.83 1.10 20.70
C ASN B 261 1.13 2.18 19.65
N GLY B 262 1.22 3.43 20.10
CA GLY B 262 1.49 4.57 19.20
C GLY B 262 0.26 5.22 18.57
N TYR B 263 -0.88 4.53 18.62
CA TYR B 263 -2.10 5.06 18.04
C TYR B 263 -2.82 5.98 19.02
N ILE B 264 -3.24 7.15 18.56
CA ILE B 264 -3.97 8.09 19.41
C ILE B 264 -5.36 7.56 19.64
N LYS B 265 -5.71 7.38 20.91
CA LYS B 265 -7.02 6.88 21.28
C LYS B 265 -8.06 7.98 21.03
N VAL B 266 -9.19 7.56 20.48
CA VAL B 266 -10.32 8.45 20.24
C VAL B 266 -11.53 7.82 20.91
N LYS B 267 -12.50 8.65 21.24
CA LYS B 267 -13.71 8.21 21.92
C LYS B 267 -14.51 7.19 21.11
N SER B 268 -14.57 7.37 19.79
CA SER B 268 -15.31 6.49 18.89
C SER B 268 -16.78 6.48 19.35
N GLY B 269 -17.49 5.37 19.13
CA GLY B 269 -18.87 5.28 19.59
C GLY B 269 -19.91 5.87 18.65
N LEU B 270 -21.16 5.86 19.13
CA LEU B 270 -22.32 6.29 18.39
C LEU B 270 -23.01 7.55 18.92
N ALA B 271 -22.39 8.23 19.88
CA ALA B 271 -22.98 9.43 20.50
C ALA B 271 -22.32 10.75 20.08
N GLY B 272 -21.55 10.75 19.01
CA GLY B 272 -20.88 11.97 18.55
C GLY B 272 -19.54 12.14 19.25
N ASP B 273 -18.77 13.16 18.85
CA ASP B 273 -17.42 13.39 19.37
C ASP B 273 -16.56 12.13 19.27
N ALA B 274 -16.81 11.36 18.20
CA ALA B 274 -16.12 10.08 17.99
C ALA B 274 -14.64 10.22 17.68
N THR B 275 -14.19 11.41 17.29
CA THR B 275 -12.76 11.62 16.97
C THR B 275 -12.02 12.35 18.10
N GLN B 276 -12.71 12.61 19.22
CA GLN B 276 -12.09 13.37 20.30
C GLN B 276 -11.12 12.53 21.14
N THR B 277 -9.97 13.14 21.44
CA THR B 277 -8.94 12.53 22.27
C THR B 277 -9.30 12.81 23.73
N ASN B 278 -8.40 12.50 24.66
CA ASN B 278 -8.64 12.79 26.08
C ASN B 278 -8.69 14.30 26.36
N ILE B 279 -8.20 15.13 25.43
CA ILE B 279 -8.20 16.58 25.58
C ILE B 279 -9.32 17.16 24.72
N LYS B 280 -10.25 17.89 25.33
CA LYS B 280 -11.35 18.50 24.59
C LYS B 280 -10.78 19.51 23.61
N GLY B 281 -11.29 19.48 22.39
CA GLY B 281 -10.82 20.37 21.33
C GLY B 281 -9.70 19.78 20.47
N VAL B 282 -9.18 18.61 20.87
CA VAL B 282 -8.13 17.93 20.11
C VAL B 282 -8.74 16.65 19.57
N PHE B 283 -8.73 16.53 18.24
CA PHE B 283 -9.33 15.41 17.57
C PHE B 283 -8.29 14.68 16.72
N ALA B 284 -8.54 13.40 16.46
CA ALA B 284 -7.64 12.58 15.65
C ALA B 284 -8.44 11.78 14.64
N ALA B 285 -7.94 11.73 13.41
CA ALA B 285 -8.58 11.05 12.32
C ALA B 285 -7.58 10.33 11.43
N GLY B 286 -8.05 9.31 10.73
CA GLY B 286 -7.21 8.55 9.83
C GLY B 286 -6.39 7.48 10.51
N ASP B 287 -5.32 7.08 9.85
CA ASP B 287 -4.42 6.00 10.33
C ASP B 287 -3.75 6.26 11.68
N VAL B 288 -3.70 7.52 12.14
CA VAL B 288 -3.11 7.79 13.45
C VAL B 288 -3.96 7.21 14.57
N ALA B 289 -5.26 7.03 14.31
CA ALA B 289 -6.21 6.51 15.28
C ALA B 289 -6.95 5.25 14.83
N ASP B 290 -6.47 4.61 13.76
CA ASP B 290 -7.09 3.41 13.22
C ASP B 290 -6.02 2.39 12.87
N HIS B 291 -5.98 1.28 13.61
CA HIS B 291 -4.99 0.23 13.34
C HIS B 291 -5.61 -1.03 12.70
N VAL B 292 -6.85 -0.91 12.21
CA VAL B 292 -7.55 -2.05 11.63
C VAL B 292 -7.87 -1.95 10.14
N TYR B 293 -8.62 -0.91 9.76
CA TYR B 293 -9.08 -0.73 8.38
C TYR B 293 -8.06 -0.08 7.46
N LYS B 294 -7.54 1.09 7.83
CA LYS B 294 -6.46 1.74 7.08
C LYS B 294 -6.70 1.96 5.57
N GLN B 295 -7.91 2.36 5.21
CA GLN B 295 -8.25 2.62 3.82
C GLN B 295 -8.46 4.11 3.64
N ALA B 296 -8.26 4.58 2.41
CA ALA B 296 -8.45 5.99 2.11
C ALA B 296 -9.87 6.41 2.46
N VAL B 297 -10.84 5.57 2.10
CA VAL B 297 -12.24 5.91 2.37
C VAL B 297 -12.56 5.94 3.88
N THR B 298 -11.95 5.07 4.68
CA THR B 298 -12.21 5.08 6.13
C THR B 298 -11.55 6.28 6.77
N SER B 299 -10.38 6.67 6.27
CA SER B 299 -9.68 7.85 6.78
C SER B 299 -10.45 9.11 6.39
N ALA B 300 -11.01 9.12 5.18
CA ALA B 300 -11.82 10.26 4.73
C ALA B 300 -13.03 10.42 5.65
N GLY B 301 -13.66 9.29 6.00
CA GLY B 301 -14.80 9.29 6.90
C GLY B 301 -14.50 9.92 8.25
N THR B 302 -13.42 9.47 8.91
CA THR B 302 -13.06 10.04 10.22
C THR B 302 -12.56 11.47 10.09
N GLY B 303 -12.00 11.82 8.94
CA GLY B 303 -11.54 13.19 8.71
C GLY B 303 -12.75 14.11 8.66
N CYS B 304 -13.81 13.65 8.01
CA CYS B 304 -15.07 14.40 7.96
C CYS B 304 -15.62 14.53 9.36
N MET B 305 -15.66 13.42 10.10
CA MET B 305 -16.15 13.39 11.49
C MET B 305 -15.38 14.37 12.35
N ALA B 306 -14.06 14.43 12.18
CA ALA B 306 -13.22 15.34 12.98
C ALA B 306 -13.57 16.80 12.74
N ALA B 307 -13.85 17.14 11.49
CA ALA B 307 -14.22 18.51 11.15
C ALA B 307 -15.55 18.88 11.77
N LEU B 308 -16.51 17.96 11.73
CA LEU B 308 -17.83 18.21 12.33
C LEU B 308 -17.74 18.25 13.86
N ASP B 309 -16.90 17.40 14.46
CA ASP B 309 -16.69 17.42 15.92
C ASP B 309 -16.07 18.76 16.32
N ALA B 310 -15.08 19.21 15.55
CA ALA B 310 -14.40 20.48 15.82
C ALA B 310 -15.37 21.65 15.67
N GLU B 311 -16.24 21.60 14.66
CA GLU B 311 -17.24 22.66 14.45
C GLU B 311 -18.13 22.81 15.69
N LYS B 312 -18.57 21.68 16.26
CA LYS B 312 -19.42 21.70 17.46
C LYS B 312 -18.67 22.24 18.66
N TYR B 313 -17.39 21.90 18.80
CA TYR B 313 -16.58 22.42 19.91
C TYR B 313 -16.43 23.95 19.79
N LEU B 314 -16.22 24.44 18.57
CA LEU B 314 -16.09 25.89 18.34
C LEU B 314 -17.40 26.66 18.58
N ASP B 315 -18.52 26.06 18.22
CA ASP B 315 -19.83 26.69 18.43
C ASP B 315 -20.14 26.92 19.91
N ASN B 316 -19.70 26.00 20.76
CA ASN B 316 -19.94 26.08 22.21
C ASN B 316 -18.84 26.75 23.03
N LEU B 317 -17.88 27.40 22.38
CA LEU B 317 -16.80 28.13 23.07
C LEU B 317 -17.28 29.50 23.52
N ASN C 6 29.92 18.68 6.20
CA ASN C 6 31.13 17.81 6.25
C ASN C 6 31.19 16.89 4.99
N HIS C 7 32.40 16.51 4.59
CA HIS C 7 32.65 15.72 3.38
C HIS C 7 32.59 14.21 3.63
N HIS C 8 32.03 13.48 2.67
CA HIS C 8 31.90 12.01 2.76
C HIS C 8 32.07 11.39 1.37
N LYS C 9 32.65 10.19 1.32
CA LYS C 9 32.81 9.50 0.04
C LYS C 9 31.46 9.16 -0.60
N LEU C 10 30.50 8.73 0.21
CA LEU C 10 29.18 8.36 -0.27
C LEU C 10 28.07 8.86 0.63
N ILE C 11 27.09 9.53 0.03
CA ILE C 11 25.89 10.00 0.73
C ILE C 11 24.68 9.38 0.04
N ILE C 12 23.77 8.85 0.85
CA ILE C 12 22.54 8.23 0.37
C ILE C 12 21.37 9.07 0.84
N LEU C 13 20.49 9.47 -0.08
CA LEU C 13 19.30 10.24 0.29
C LEU C 13 18.08 9.31 0.29
N GLY C 14 17.48 9.15 1.46
CA GLY C 14 16.28 8.31 1.55
C GLY C 14 16.28 7.38 2.70
N SER C 15 15.11 6.79 2.96
CA SER C 15 14.94 5.90 4.10
C SER C 15 14.06 4.68 3.78
N GLY C 16 13.90 4.35 2.50
CA GLY C 16 13.08 3.20 2.12
C GLY C 16 13.95 1.97 1.87
N PRO C 17 13.37 0.89 1.32
CA PRO C 17 14.15 -0.32 1.03
C PRO C 17 15.42 -0.10 0.18
N ALA C 18 15.36 0.83 -0.78
CA ALA C 18 16.49 1.12 -1.65
C ALA C 18 17.61 1.81 -0.90
N GLY C 19 17.27 2.83 -0.14
CA GLY C 19 18.26 3.56 0.65
C GLY C 19 18.91 2.66 1.68
N TYR C 20 18.08 1.90 2.38
CA TYR C 20 18.55 0.99 3.40
C TYR C 20 19.48 -0.09 2.81
N THR C 21 19.06 -0.71 1.72
CA THR C 21 19.86 -1.75 1.08
C THR C 21 21.17 -1.18 0.53
N ALA C 22 21.11 0.03 -0.03
CA ALA C 22 22.31 0.69 -0.54
C ALA C 22 23.31 0.93 0.58
N ALA C 23 22.82 1.32 1.76
CA ALA C 23 23.69 1.56 2.93
C ALA C 23 24.35 0.26 3.40
N ILE C 24 23.57 -0.82 3.48
CA ILE C 24 24.11 -2.11 3.90
C ILE C 24 25.27 -2.52 3.01
N TYR C 25 25.05 -2.52 1.70
CA TYR C 25 26.11 -2.92 0.75
C TYR C 25 27.30 -1.98 0.77
N ALA C 26 27.04 -0.69 0.87
CA ALA C 26 28.12 0.29 0.93
C ALA C 26 28.94 0.05 2.20
N ALA C 27 28.24 -0.25 3.30
CA ALA C 27 28.90 -0.52 4.59
C ALA C 27 29.73 -1.80 4.52
N ARG C 28 29.23 -2.80 3.80
CA ARG C 28 29.92 -4.08 3.64
C ARG C 28 31.21 -3.90 2.82
N ALA C 29 31.24 -2.84 2.02
CA ALA C 29 32.42 -2.49 1.23
C ALA C 29 33.27 -1.45 1.97
N ASN C 30 32.97 -1.27 3.26
CA ASN C 30 33.65 -0.34 4.15
C ASN C 30 33.74 1.10 3.60
N LEU C 31 32.68 1.56 2.96
CA LEU C 31 32.66 2.92 2.39
C LEU C 31 32.19 3.97 3.40
N LYS C 32 31.79 3.54 4.59
CA LYS C 32 31.26 4.46 5.60
C LYS C 32 30.21 5.39 5.01
N PRO C 33 29.11 4.82 4.52
CA PRO C 33 28.05 5.63 3.96
C PRO C 33 27.32 6.46 5.00
N VAL C 34 26.75 7.56 4.54
CA VAL C 34 25.96 8.45 5.36
C VAL C 34 24.58 8.49 4.74
N ILE C 35 23.56 8.20 5.53
CA ILE C 35 22.19 8.27 5.07
C ILE C 35 21.59 9.56 5.60
N ILE C 36 21.12 10.42 4.69
CA ILE C 36 20.46 11.65 5.08
C ILE C 36 18.97 11.42 4.85
N THR C 37 18.21 11.34 5.94
CA THR C 37 16.78 11.13 5.84
C THR C 37 16.00 12.31 6.44
N GLY C 38 14.92 12.70 5.76
CA GLY C 38 14.06 13.80 6.20
C GLY C 38 12.93 13.40 7.13
N MET C 39 13.16 12.39 7.97
CA MET C 39 12.12 11.91 8.92
C MET C 39 12.15 12.44 10.36
N GLN C 40 13.34 12.66 10.93
CA GLN C 40 13.50 13.08 12.32
C GLN C 40 12.66 12.22 13.27
N PHE C 77 32.64 -1.56 9.45
CA PHE C 77 31.56 -1.74 8.48
C PHE C 77 30.27 -1.07 9.00
N ASP C 78 30.40 0.19 9.41
CA ASP C 78 29.30 0.97 10.01
C ASP C 78 28.64 1.94 9.05
N THR C 79 27.45 2.38 9.44
CA THR C 79 26.63 3.33 8.69
C THR C 79 26.31 4.49 9.63
N GLN C 80 26.35 5.71 9.11
CA GLN C 80 26.03 6.90 9.89
C GLN C 80 24.68 7.44 9.40
N ILE C 81 23.80 7.80 10.34
CA ILE C 81 22.48 8.33 10.00
C ILE C 81 22.39 9.79 10.40
N VAL C 82 22.07 10.65 9.44
CA VAL C 82 21.90 12.08 9.67
C VAL C 82 20.45 12.44 9.42
N TYR C 83 19.84 13.14 10.36
CA TYR C 83 18.44 13.57 10.24
C TYR C 83 18.44 15.02 9.80
N ASP C 84 18.21 15.23 8.51
CA ASP C 84 18.19 16.57 7.93
C ASP C 84 17.35 16.51 6.66
N THR C 85 16.96 17.68 6.14
CA THR C 85 16.18 17.73 4.91
C THR C 85 16.95 18.55 3.90
N ILE C 86 17.29 17.92 2.77
CA ILE C 86 18.03 18.58 1.71
C ILE C 86 17.02 19.38 0.90
N ASN C 87 17.24 20.68 0.79
CA ASN C 87 16.34 21.57 0.03
C ASN C 87 16.95 22.05 -1.30
N ALA C 88 18.23 21.77 -1.52
CA ALA C 88 18.90 22.14 -2.77
C ALA C 88 20.19 21.34 -2.95
N VAL C 89 20.59 21.14 -4.20
CA VAL C 89 21.83 20.43 -4.54
C VAL C 89 22.55 21.08 -5.71
N ASP C 90 23.87 20.95 -5.74
CA ASP C 90 24.71 21.45 -6.85
C ASP C 90 25.54 20.23 -7.28
N LEU C 91 25.16 19.63 -8.42
CA LEU C 91 25.81 18.43 -8.92
C LEU C 91 26.69 18.69 -10.14
N GLN C 92 26.92 19.97 -10.45
CA GLN C 92 27.69 20.37 -11.63
C GLN C 92 29.22 20.33 -11.44
N ASN C 93 29.67 20.31 -10.19
CA ASN C 93 31.10 20.27 -9.88
C ASN C 93 31.42 19.16 -8.87
N LYS C 94 32.70 18.87 -8.72
CA LYS C 94 33.21 17.88 -7.80
C LYS C 94 33.93 18.61 -6.66
N PRO C 95 33.59 18.33 -5.39
CA PRO C 95 32.57 17.36 -4.98
C PRO C 95 31.15 17.90 -5.14
N PHE C 96 30.17 16.99 -5.07
CA PHE C 96 28.76 17.39 -5.16
C PHE C 96 28.40 18.09 -3.86
N LYS C 97 27.53 19.10 -3.93
CA LYS C 97 27.13 19.84 -2.74
C LYS C 97 25.65 19.59 -2.45
N LEU C 98 25.36 19.34 -1.18
CA LEU C 98 23.99 19.14 -0.71
C LEU C 98 23.73 20.20 0.35
N VAL C 99 22.62 20.91 0.21
CA VAL C 99 22.28 21.98 1.16
C VAL C 99 21.14 21.52 2.08
N GLY C 100 21.44 21.42 3.38
CA GLY C 100 20.48 21.04 4.41
C GLY C 100 19.88 22.29 5.04
N GLU C 101 19.11 22.09 6.11
CA GLU C 101 18.41 23.20 6.80
C GLU C 101 19.32 24.35 7.22
N VAL C 102 20.48 23.99 7.77
CA VAL C 102 21.53 24.98 8.10
C VAL C 102 22.92 24.53 7.63
N GLU C 103 23.18 23.21 7.63
CA GLU C 103 24.49 22.67 7.27
C GLU C 103 24.57 22.19 5.83
N GLN C 104 25.78 22.25 5.27
CA GLN C 104 26.05 21.86 3.91
C GLN C 104 26.93 20.64 3.91
N TYR C 105 26.71 19.75 2.95
CA TYR C 105 27.48 18.51 2.85
C TYR C 105 28.12 18.41 1.48
N THR C 106 29.21 17.67 1.40
CA THR C 106 29.88 17.41 0.13
C THR C 106 30.12 15.91 0.02
N CYS C 107 30.15 15.40 -1.20
CA CYS C 107 30.38 13.99 -1.41
C CYS C 107 30.93 13.69 -2.78
N ASP C 108 31.62 12.56 -2.89
CA ASP C 108 32.20 12.09 -4.15
C ASP C 108 31.19 11.32 -4.98
N THR C 109 30.26 10.63 -4.32
CA THR C 109 29.18 9.92 -4.99
C THR C 109 27.90 10.14 -4.22
N LEU C 110 26.79 10.13 -4.95
CA LEU C 110 25.48 10.36 -4.39
C LEU C 110 24.50 9.29 -4.87
N ILE C 111 23.77 8.68 -3.93
CA ILE C 111 22.74 7.71 -4.23
C ILE C 111 21.40 8.35 -3.84
N ILE C 112 20.58 8.63 -4.84
CA ILE C 112 19.27 9.21 -4.63
C ILE C 112 18.25 8.09 -4.52
N ALA C 113 17.61 7.98 -3.35
CA ALA C 113 16.58 6.98 -3.11
C ALA C 113 15.47 7.60 -2.26
N THR C 114 15.03 8.78 -2.70
CA THR C 114 14.00 9.54 -1.98
C THR C 114 12.56 8.97 -2.08
N GLY C 115 12.38 7.91 -2.87
CA GLY C 115 11.10 7.25 -2.99
C GLY C 115 10.01 7.99 -3.68
N ALA C 116 8.80 7.53 -3.45
CA ALA C 116 7.60 8.14 -4.04
C ALA C 116 6.49 8.08 -3.06
N THR C 117 5.68 9.14 -2.97
CA THR C 117 4.57 9.19 -2.02
C THR C 117 3.36 9.80 -2.66
N ALA C 118 2.19 9.30 -2.30
CA ALA C 118 0.93 9.87 -2.85
C ALA C 118 0.74 11.31 -2.40
N LYS C 119 0.32 12.17 -3.32
CA LYS C 119 0.15 13.57 -3.02
C LYS C 119 -1.34 13.80 -3.03
N TYR C 120 -1.84 14.48 -2.00
CA TYR C 120 -3.27 14.85 -1.92
C TYR C 120 -3.36 16.35 -1.94
N LEU C 121 -2.25 16.96 -1.56
CA LEU C 121 -2.09 18.44 -1.55
C LEU C 121 -0.92 18.84 -2.48
N GLY C 122 -1.04 20.01 -3.10
CA GLY C 122 0.03 20.56 -3.93
C GLY C 122 -0.04 20.24 -5.41
N LEU C 123 -1.20 19.84 -5.88
CA LEU C 123 -1.39 19.58 -7.31
C LEU C 123 -1.58 20.92 -8.00
N GLU C 124 -1.27 20.99 -9.29
CA GLU C 124 -1.46 22.24 -10.03
C GLU C 124 -2.93 22.67 -10.11
N SER C 125 -3.12 23.98 -9.92
CA SER C 125 -4.45 24.62 -9.91
C SER C 125 -5.31 24.21 -8.73
N GLU C 126 -4.76 23.48 -7.77
CA GLU C 126 -5.53 22.96 -6.65
C GLU C 126 -5.79 24.06 -5.64
N GLU C 127 -4.72 24.73 -5.22
CA GLU C 127 -4.78 25.81 -4.22
C GLU C 127 -5.92 26.78 -4.49
N LYS C 128 -6.07 27.19 -5.76
CA LYS C 128 -7.22 28.05 -6.12
C LYS C 128 -8.56 27.32 -6.14
N PHE C 129 -8.57 26.06 -6.55
CA PHE C 129 -9.85 25.31 -6.68
C PHE C 129 -10.03 24.14 -5.70
N MET C 130 -9.25 24.08 -4.62
CA MET C 130 -9.32 22.93 -3.67
C MET C 130 -10.73 22.73 -3.15
N GLY C 131 -11.19 21.48 -3.12
CA GLY C 131 -12.55 21.14 -2.67
C GLY C 131 -13.62 21.99 -3.34
N LYS C 132 -13.40 22.30 -4.61
CA LYS C 132 -14.32 23.14 -5.34
C LYS C 132 -14.11 22.92 -6.86
N GLY C 133 -13.62 21.71 -7.18
CA GLY C 133 -13.35 21.34 -8.56
C GLY C 133 -12.09 20.53 -8.75
N VAL C 134 -11.08 20.74 -7.89
CA VAL C 134 -9.83 19.96 -8.05
C VAL C 134 -9.60 19.11 -6.82
N SER C 135 -9.31 17.82 -7.04
CA SER C 135 -9.10 16.89 -5.95
C SER C 135 -8.25 15.72 -6.44
N ALA C 136 -7.71 14.97 -5.50
CA ALA C 136 -6.92 13.77 -5.80
C ALA C 136 -7.45 12.60 -5.00
N CYS C 137 -8.65 12.75 -4.47
CA CYS C 137 -9.28 11.73 -3.66
C CYS C 137 -10.78 11.66 -3.98
N ALA C 138 -11.15 10.74 -4.86
CA ALA C 138 -12.54 10.53 -5.26
C ALA C 138 -13.39 10.05 -4.08
N THR C 139 -12.79 9.23 -3.20
CA THR C 139 -13.48 8.71 -2.03
C THR C 139 -13.61 9.77 -0.93
N CYS C 140 -12.95 10.90 -1.10
CA CYS C 140 -13.04 12.01 -0.15
C CYS C 140 -14.17 12.97 -0.52
N ASP C 141 -14.08 13.59 -1.69
CA ASP C 141 -15.11 14.58 -2.09
C ASP C 141 -15.88 14.25 -3.36
N GLY C 142 -15.85 12.99 -3.78
CA GLY C 142 -16.61 12.56 -4.95
C GLY C 142 -18.12 12.72 -4.80
N PHE C 143 -18.58 12.57 -3.57
CA PHE C 143 -20.01 12.64 -3.24
C PHE C 143 -20.63 14.01 -3.50
N PHE C 144 -19.80 15.05 -3.66
CA PHE C 144 -20.31 16.40 -3.95
C PHE C 144 -20.61 16.61 -5.44
N TYR C 145 -20.43 15.58 -6.25
CA TYR C 145 -20.67 15.68 -7.69
C TYR C 145 -21.76 14.73 -8.16
N LYS C 146 -22.81 14.63 -7.36
CA LYS C 146 -23.97 13.81 -7.69
C LYS C 146 -24.68 14.44 -8.89
N ASN C 147 -24.91 13.63 -9.93
CA ASN C 147 -25.58 14.06 -11.17
C ASN C 147 -24.82 15.19 -11.90
N LYS C 148 -23.49 15.18 -11.79
CA LYS C 148 -22.63 16.16 -12.45
C LYS C 148 -21.58 15.46 -13.30
N ASP C 149 -21.01 16.20 -14.24
CA ASP C 149 -19.99 15.66 -15.15
C ASP C 149 -18.63 15.87 -14.54
N VAL C 150 -17.86 14.79 -14.40
CA VAL C 150 -16.53 14.88 -13.81
C VAL C 150 -15.51 14.15 -14.67
N ALA C 151 -14.24 14.43 -14.39
CA ALA C 151 -13.15 13.82 -15.12
C ALA C 151 -12.14 13.22 -14.15
N VAL C 152 -11.42 12.21 -14.64
CA VAL C 152 -10.38 11.55 -13.90
C VAL C 152 -9.16 11.54 -14.81
N VAL C 153 -8.02 11.97 -14.28
CA VAL C 153 -6.78 12.02 -15.04
C VAL C 153 -5.81 10.94 -14.54
N GLY C 154 -5.41 10.03 -15.43
CA GLY C 154 -4.49 8.94 -15.09
C GLY C 154 -4.85 7.67 -15.84
N GLY C 155 -3.98 6.65 -15.75
CA GLY C 155 -4.21 5.37 -16.42
C GLY C 155 -3.80 4.12 -15.63
N GLY C 156 -3.51 4.28 -14.35
CA GLY C 156 -3.13 3.15 -13.50
C GLY C 156 -4.32 2.62 -12.73
N ASN C 157 -4.05 1.79 -11.71
CA ASN C 157 -5.12 1.24 -10.87
C ASN C 157 -5.90 2.32 -10.15
N THR C 158 -5.20 3.35 -9.67
CA THR C 158 -5.82 4.43 -8.93
C THR C 158 -6.86 5.15 -9.80
N ALA C 159 -6.49 5.47 -11.04
CA ALA C 159 -7.37 6.16 -11.98
C ALA C 159 -8.60 5.33 -12.32
N VAL C 160 -8.38 4.04 -12.62
CA VAL C 160 -9.47 3.14 -12.96
C VAL C 160 -10.42 2.97 -11.77
N GLU C 161 -9.86 2.73 -10.59
CA GLU C 161 -10.68 2.57 -9.38
C GLU C 161 -11.46 3.84 -9.03
N GLU C 162 -10.86 5.01 -9.24
CA GLU C 162 -11.55 6.27 -8.98
C GLU C 162 -12.68 6.52 -9.99
N ALA C 163 -12.44 6.17 -11.25
CA ALA C 163 -13.45 6.33 -12.30
C ALA C 163 -14.65 5.42 -11.98
N LEU C 164 -14.36 4.18 -11.61
CA LEU C 164 -15.39 3.21 -11.24
C LEU C 164 -16.16 3.67 -10.00
N PHE C 165 -15.45 4.23 -9.03
CA PHE C 165 -16.10 4.71 -7.81
C PHE C 165 -17.01 5.91 -8.11
N LEU C 166 -16.51 6.82 -8.93
CA LEU C 166 -17.28 8.01 -9.33
C LEU C 166 -18.47 7.72 -10.25
N SER C 167 -18.46 6.57 -10.95
CA SER C 167 -19.57 6.22 -11.84
C SER C 167 -20.90 6.05 -11.09
N ASN C 168 -20.84 5.54 -9.87
CA ASN C 168 -22.03 5.33 -9.03
C ASN C 168 -22.63 6.64 -8.48
N ILE C 169 -21.91 7.75 -8.66
CA ILE C 169 -22.32 9.05 -8.14
C ILE C 169 -22.57 10.08 -9.23
N ALA C 170 -21.58 10.25 -10.10
CA ALA C 170 -21.65 11.25 -11.17
C ALA C 170 -22.61 10.92 -12.30
N LYS C 171 -22.97 11.94 -13.08
CA LYS C 171 -23.83 11.76 -14.23
C LYS C 171 -23.00 11.04 -15.27
N SER C 172 -21.77 11.53 -15.47
CA SER C 172 -20.83 10.92 -16.40
C SER C 172 -19.42 11.08 -15.86
N VAL C 173 -18.57 10.12 -16.20
CA VAL C 173 -17.18 10.15 -15.78
C VAL C 173 -16.34 10.01 -17.04
N THR C 174 -15.42 10.95 -17.24
CA THR C 174 -14.55 10.95 -18.41
C THR C 174 -13.11 10.70 -17.95
N LEU C 175 -12.59 9.52 -18.28
CA LEU C 175 -11.22 9.15 -17.94
C LEU C 175 -10.30 9.68 -19.04
N ILE C 176 -9.29 10.45 -18.65
CA ILE C 176 -8.34 11.07 -19.56
C ILE C 176 -6.96 10.50 -19.26
N HIS C 177 -6.29 9.93 -20.26
CA HIS C 177 -4.98 9.34 -20.08
C HIS C 177 -4.06 9.60 -21.28
N ARG C 178 -2.78 9.87 -20.98
CA ARG C 178 -1.77 10.18 -22.01
C ARG C 178 -1.35 9.04 -22.92
N ARG C 179 -1.52 7.79 -22.48
CA ARG C 179 -1.14 6.64 -23.30
C ARG C 179 -2.35 6.09 -24.07
N ASP C 180 -2.07 5.07 -24.88
CA ASP C 180 -3.07 4.39 -25.71
C ASP C 180 -3.73 3.21 -24.96
N THR C 181 -3.06 2.74 -23.90
CA THR C 181 -3.56 1.62 -23.09
C THR C 181 -3.48 1.97 -21.59
N LEU C 182 -4.16 1.17 -20.77
CA LEU C 182 -4.19 1.37 -19.31
C LEU C 182 -3.25 0.39 -18.63
N ARG C 183 -2.54 0.88 -17.61
CA ARG C 183 -1.56 0.09 -16.85
C ARG C 183 -2.17 -0.36 -15.52
N SER C 184 -3.21 -1.18 -15.61
CA SER C 184 -3.95 -1.66 -14.45
C SER C 184 -4.27 -3.14 -14.57
N GLU C 185 -4.73 -3.74 -13.46
CA GLU C 185 -5.11 -5.16 -13.46
C GLU C 185 -6.22 -5.41 -14.46
N LYS C 186 -6.17 -6.56 -15.13
CA LYS C 186 -7.17 -6.94 -16.13
C LYS C 186 -8.60 -6.96 -15.60
N ILE C 187 -8.81 -7.43 -14.37
CA ILE C 187 -10.16 -7.50 -13.80
C ILE C 187 -10.78 -6.08 -13.69
N LEU C 188 -9.96 -5.09 -13.35
CA LEU C 188 -10.43 -3.71 -13.24
C LEU C 188 -10.67 -3.09 -14.62
N ILE C 189 -9.82 -3.43 -15.59
CA ILE C 189 -9.98 -2.91 -16.96
C ILE C 189 -11.31 -3.41 -17.52
N ASP C 190 -11.61 -4.69 -17.33
CA ASP C 190 -12.87 -5.28 -17.80
C ASP C 190 -14.09 -4.60 -17.16
N LYS C 191 -13.99 -4.26 -15.87
CA LYS C 191 -15.07 -3.56 -15.17
C LYS C 191 -15.28 -2.19 -15.81
N LEU C 192 -14.17 -1.49 -16.03
CA LEU C 192 -14.16 -0.16 -16.64
C LEU C 192 -14.78 -0.17 -18.03
N MET C 193 -14.32 -1.10 -18.87
CA MET C 193 -14.83 -1.23 -20.23
C MET C 193 -16.30 -1.60 -20.29
N GLU C 194 -16.78 -2.35 -19.31
CA GLU C 194 -18.20 -2.72 -19.24
C GLU C 194 -19.02 -1.45 -19.01
N LYS C 195 -18.57 -0.58 -18.10
CA LYS C 195 -19.26 0.69 -17.83
C LYS C 195 -19.05 1.70 -18.97
N ALA C 196 -17.97 1.56 -19.73
CA ALA C 196 -17.73 2.47 -20.87
C ALA C 196 -18.67 2.13 -22.03
N GLN C 197 -19.02 0.85 -22.15
CA GLN C 197 -19.89 0.34 -23.22
C GLN C 197 -21.37 0.42 -22.88
N HIS C 198 -21.72 0.19 -21.60
CA HIS C 198 -23.13 0.19 -21.17
C HIS C 198 -23.46 1.14 -20.03
N GLY C 199 -22.50 1.95 -19.59
CA GLY C 199 -22.74 2.91 -18.49
C GLY C 199 -22.43 4.36 -18.87
N ASN C 200 -22.03 5.10 -17.85
CA ASN C 200 -21.73 6.52 -17.93
C ASN C 200 -20.23 6.85 -17.94
N ILE C 201 -19.39 5.96 -18.48
CA ILE C 201 -17.95 6.23 -18.54
C ILE C 201 -17.49 6.42 -19.99
N ASN C 202 -16.66 7.44 -20.21
CA ASN C 202 -16.09 7.76 -21.51
C ASN C 202 -14.59 7.78 -21.32
N ILE C 203 -13.83 7.38 -22.34
CA ILE C 203 -12.38 7.34 -22.26
C ILE C 203 -11.77 8.17 -23.38
N ILE C 204 -10.87 9.09 -23.03
CA ILE C 204 -10.16 9.92 -24.00
C ILE C 204 -8.70 9.49 -23.93
N TRP C 205 -8.22 8.85 -25.01
CA TRP C 205 -6.84 8.35 -25.06
C TRP C 205 -5.86 9.39 -25.57
N ASN C 206 -4.57 9.09 -25.37
CA ASN C 206 -3.47 9.93 -25.85
C ASN C 206 -3.69 11.42 -25.61
N THR C 207 -4.02 11.77 -24.37
CA THR C 207 -4.31 13.16 -24.02
C THR C 207 -3.82 13.54 -22.61
N THR C 208 -3.39 14.79 -22.46
CA THR C 208 -2.90 15.31 -21.18
C THR C 208 -3.69 16.56 -20.77
N LEU C 209 -3.70 16.82 -19.47
CA LEU C 209 -4.39 17.99 -18.91
C LEU C 209 -3.42 19.17 -18.94
N GLU C 210 -3.77 20.21 -19.72
CA GLU C 210 -2.93 21.41 -19.83
C GLU C 210 -3.32 22.46 -18.80
N GLU C 211 -4.61 22.65 -18.58
CA GLU C 211 -5.07 23.68 -17.63
C GLU C 211 -6.49 23.40 -17.12
N VAL C 212 -6.74 23.76 -15.87
CA VAL C 212 -8.04 23.61 -15.23
C VAL C 212 -8.67 25.00 -15.25
N LEU C 213 -9.77 25.14 -15.98
CA LEU C 213 -10.46 26.43 -16.11
C LEU C 213 -11.67 26.51 -15.17
N GLY C 214 -11.87 27.69 -14.59
CA GLY C 214 -12.98 27.93 -13.67
C GLY C 214 -12.98 29.34 -13.13
N ASP C 215 -13.80 29.59 -12.11
CA ASP C 215 -13.92 30.90 -11.48
C ASP C 215 -14.11 30.78 -9.95
N ASP C 216 -14.52 31.88 -9.32
CA ASP C 216 -14.74 31.93 -7.85
C ASP C 216 -15.65 30.81 -7.31
N MET C 217 -16.69 30.45 -8.06
CA MET C 217 -17.63 29.42 -7.62
C MET C 217 -17.10 27.99 -7.84
N GLY C 218 -16.10 27.84 -8.72
CA GLY C 218 -15.51 26.54 -8.97
C GLY C 218 -15.07 26.26 -10.37
N VAL C 219 -14.68 25.01 -10.60
CA VAL C 219 -14.21 24.54 -11.91
C VAL C 219 -15.42 24.37 -12.82
N ASN C 220 -15.23 24.65 -14.10
CA ASN C 220 -16.32 24.49 -15.10
C ASN C 220 -15.82 23.96 -16.46
N ALA C 221 -14.49 23.80 -16.62
CA ALA C 221 -13.93 23.31 -17.88
C ALA C 221 -12.46 22.91 -17.74
N LEU C 222 -11.98 22.16 -18.74
CA LEU C 222 -10.59 21.69 -18.79
C LEU C 222 -9.99 21.89 -20.18
N ARG C 223 -8.73 22.32 -20.24
CA ARG C 223 -8.04 22.45 -21.51
C ARG C 223 -7.16 21.20 -21.64
N ILE C 224 -7.40 20.40 -22.67
CA ILE C 224 -6.65 19.18 -22.91
C ILE C 224 -5.95 19.21 -24.27
N LYS C 225 -4.93 18.38 -24.41
CA LYS C 225 -4.13 18.31 -25.64
C LYS C 225 -3.80 16.86 -26.00
N ASN C 226 -4.03 16.52 -27.27
CA ASN C 226 -3.72 15.18 -27.77
C ASN C 226 -2.19 15.18 -27.99
N ILE C 227 -1.48 14.36 -27.22
CA ILE C 227 0.00 14.30 -27.30
C ILE C 227 0.55 13.82 -28.66
N LYS C 228 -0.26 13.10 -29.44
CA LYS C 228 0.17 12.62 -30.76
C LYS C 228 -0.09 13.61 -31.91
N THR C 229 -1.16 14.40 -31.79
CA THR C 229 -1.54 15.35 -32.84
C THR C 229 -1.27 16.82 -32.43
N ASN C 230 -1.07 17.06 -31.14
CA ASN C 230 -0.85 18.41 -30.57
C ASN C 230 -2.06 19.34 -30.72
N GLU C 231 -3.22 18.76 -31.02
CA GLU C 231 -4.46 19.52 -31.18
C GLU C 231 -5.08 19.67 -29.79
N GLU C 232 -5.44 20.92 -29.44
CA GLU C 232 -6.05 21.19 -28.13
C GLU C 232 -7.56 21.31 -28.23
N SER C 233 -8.23 20.94 -27.15
CA SER C 233 -9.68 20.95 -27.07
C SER C 233 -10.11 21.49 -25.71
N GLN C 234 -11.42 21.58 -25.50
CA GLN C 234 -11.98 22.06 -24.26
C GLN C 234 -13.31 21.34 -23.98
N MET C 235 -13.36 20.65 -22.83
CA MET C 235 -14.59 19.98 -22.41
C MET C 235 -15.10 20.58 -21.11
N GLY C 236 -16.43 20.58 -20.96
CA GLY C 236 -17.07 21.10 -19.75
C GLY C 236 -17.07 20.04 -18.66
N VAL C 237 -16.62 20.42 -17.47
CA VAL C 237 -16.53 19.51 -16.32
C VAL C 237 -16.82 20.28 -15.04
N ALA C 238 -17.55 19.66 -14.11
CA ALA C 238 -17.86 20.29 -12.81
C ALA C 238 -16.71 20.09 -11.82
N GLY C 239 -15.94 19.02 -12.01
CA GLY C 239 -14.79 18.73 -11.14
C GLY C 239 -13.83 17.73 -11.76
N VAL C 240 -12.54 17.85 -11.46
CA VAL C 240 -11.54 16.93 -11.99
C VAL C 240 -10.82 16.23 -10.84
N PHE C 241 -10.51 14.94 -11.04
CA PHE C 241 -9.84 14.14 -10.06
C PHE C 241 -8.52 13.63 -10.60
N ILE C 242 -7.42 14.09 -10.00
CA ILE C 242 -6.09 13.69 -10.43
C ILE C 242 -5.71 12.36 -9.76
N ALA C 243 -5.54 11.32 -10.57
CA ALA C 243 -5.24 9.98 -10.10
C ALA C 243 -4.01 9.39 -10.77
N ILE C 244 -2.87 9.89 -10.33
CA ILE C 244 -1.55 9.42 -10.80
C ILE C 244 -0.84 8.46 -9.81
N GLY C 245 -1.30 8.40 -8.56
CA GLY C 245 -0.72 7.50 -7.56
C GLY C 245 0.44 8.14 -6.83
N HIS C 246 1.39 7.32 -6.42
CA HIS C 246 2.59 7.81 -5.73
C HIS C 246 3.48 8.54 -6.74
N THR C 247 3.83 9.79 -6.47
CA THR C 247 4.68 10.55 -7.38
C THR C 247 6.08 10.64 -6.77
N PRO C 248 7.11 10.67 -7.62
CA PRO C 248 8.47 10.71 -7.12
C PRO C 248 8.84 12.04 -6.46
N ASN C 249 9.65 11.95 -5.41
CA ASN C 249 10.12 13.10 -4.65
C ASN C 249 11.43 13.54 -5.27
N THR C 250 11.33 14.35 -6.33
CA THR C 250 12.54 14.78 -7.08
C THR C 250 12.60 16.22 -7.55
N SER C 251 11.71 17.08 -7.07
CA SER C 251 11.71 18.50 -7.50
C SER C 251 13.06 19.22 -7.34
N ILE C 252 13.83 18.91 -6.29
CA ILE C 252 15.15 19.57 -6.08
C ILE C 252 16.22 19.23 -7.15
N PHE C 253 16.01 18.17 -7.92
CA PHE C 253 16.97 17.78 -8.97
C PHE C 253 16.62 18.31 -10.35
N ALA C 254 15.51 19.04 -10.44
CA ALA C 254 15.05 19.62 -11.71
C ALA C 254 16.12 20.51 -12.28
N GLY C 255 16.42 20.32 -13.57
CA GLY C 255 17.44 21.10 -14.26
C GLY C 255 18.84 20.51 -14.25
N GLN C 256 19.12 19.59 -13.33
CA GLN C 256 20.46 18.96 -13.25
C GLN C 256 20.48 17.51 -13.66
N LEU C 257 19.42 16.77 -13.32
CA LEU C 257 19.30 15.37 -13.69
C LEU C 257 18.22 15.18 -14.71
N GLU C 258 18.47 14.29 -15.68
CA GLU C 258 17.50 13.99 -16.72
C GLU C 258 16.34 13.26 -16.05
N MET C 259 15.13 13.76 -16.28
CA MET C 259 13.92 13.21 -15.70
C MET C 259 12.80 13.07 -16.73
N GLU C 260 11.87 12.18 -16.46
CA GLU C 260 10.73 11.93 -17.33
C GLU C 260 9.53 11.68 -16.41
N ASN C 261 8.56 12.59 -16.46
CA ASN C 261 7.37 12.52 -15.59
C ASN C 261 7.75 12.52 -14.11
N GLY C 262 8.83 13.21 -13.76
CA GLY C 262 9.31 13.29 -12.38
C GLY C 262 10.26 12.17 -11.95
N TYR C 263 10.33 11.09 -12.75
CA TYR C 263 11.20 9.98 -12.43
C TYR C 263 12.61 10.25 -12.94
N ILE C 264 13.60 10.00 -12.08
CA ILE C 264 15.00 10.20 -12.48
C ILE C 264 15.39 9.06 -13.42
N LYS C 265 15.84 9.43 -14.61
CA LYS C 265 16.26 8.47 -15.59
C LYS C 265 17.57 7.82 -15.16
N VAL C 266 17.66 6.51 -15.35
CA VAL C 266 18.87 5.75 -15.07
C VAL C 266 19.25 4.99 -16.34
N LYS C 267 20.52 4.66 -16.46
CA LYS C 267 21.04 3.97 -17.62
C LYS C 267 20.41 2.59 -17.81
N SER C 268 20.18 1.88 -16.71
CA SER C 268 19.60 0.52 -16.75
C SER C 268 20.53 -0.36 -17.60
N GLY C 269 20.00 -1.37 -18.26
CA GLY C 269 20.84 -2.21 -19.13
C GLY C 269 21.57 -3.34 -18.45
N LEU C 270 22.38 -4.03 -19.26
CA LEU C 270 23.10 -5.23 -18.84
C LEU C 270 24.61 -5.12 -18.77
N ALA C 271 25.13 -3.91 -18.92
CA ALA C 271 26.60 -3.70 -18.92
C ALA C 271 27.13 -3.00 -17.66
N GLY C 272 26.35 -2.99 -16.58
CA GLY C 272 26.77 -2.32 -15.35
C GLY C 272 26.39 -0.86 -15.37
N ASP C 273 26.63 -0.18 -14.25
CA ASP C 273 26.26 1.25 -14.09
C ASP C 273 24.78 1.45 -14.41
N ALA C 274 23.98 0.44 -14.09
CA ALA C 274 22.54 0.47 -14.37
C ALA C 274 21.75 1.51 -13.56
N THR C 275 22.33 2.01 -12.47
CA THR C 275 21.63 3.01 -11.64
C THR C 275 22.17 4.43 -11.89
N GLN C 276 23.08 4.59 -12.84
CA GLN C 276 23.69 5.89 -13.07
C GLN C 276 22.79 6.86 -13.84
N THR C 277 22.76 8.11 -13.36
CA THR C 277 22.00 9.18 -13.98
C THR C 277 22.86 9.79 -15.09
N ASN C 278 22.43 10.90 -15.66
CA ASN C 278 23.22 11.58 -16.70
C ASN C 278 24.54 12.15 -16.14
N ILE C 279 24.66 12.25 -14.82
CA ILE C 279 25.89 12.75 -14.19
C ILE C 279 26.65 11.58 -13.57
N LYS C 280 27.90 11.40 -13.99
CA LYS C 280 28.72 10.31 -13.47
C LYS C 280 28.92 10.53 -11.98
N GLY C 281 28.78 9.46 -11.20
CA GLY C 281 28.92 9.52 -9.74
C GLY C 281 27.59 9.75 -9.02
N VAL C 282 26.52 10.04 -9.77
CA VAL C 282 25.20 10.24 -9.18
C VAL C 282 24.33 9.08 -9.65
N PHE C 283 23.81 8.33 -8.69
CA PHE C 283 23.02 7.16 -8.95
C PHE C 283 21.63 7.29 -8.32
N ALA C 284 20.66 6.56 -8.89
CA ALA C 284 19.29 6.60 -8.41
C ALA C 284 18.76 5.17 -8.31
N ALA C 285 18.05 4.90 -7.21
CA ALA C 285 17.50 3.60 -6.94
C ALA C 285 16.11 3.70 -6.31
N GLY C 286 15.32 2.65 -6.46
CA GLY C 286 13.99 2.59 -5.89
C GLY C 286 12.94 3.28 -6.72
N ASP C 287 11.84 3.63 -6.06
CA ASP C 287 10.69 4.25 -6.74
C ASP C 287 10.96 5.59 -7.44
N VAL C 288 12.06 6.27 -7.09
CA VAL C 288 12.39 7.53 -7.77
C VAL C 288 12.76 7.29 -9.22
N ALA C 289 13.21 6.08 -9.54
CA ALA C 289 13.63 5.70 -10.89
C ALA C 289 12.89 4.48 -11.46
N ASP C 290 11.79 4.09 -10.82
CA ASP C 290 11.01 2.94 -11.26
C ASP C 290 9.52 3.29 -11.21
N HIS C 291 8.90 3.38 -12.38
CA HIS C 291 7.45 3.68 -12.44
C HIS C 291 6.61 2.46 -12.85
N VAL C 292 7.20 1.27 -12.80
CA VAL C 292 6.49 0.05 -13.21
C VAL C 292 6.25 -0.97 -12.10
N TYR C 293 7.34 -1.45 -11.49
CA TYR C 293 7.26 -2.51 -10.47
C TYR C 293 6.91 -2.02 -9.06
N LYS C 294 7.66 -1.05 -8.55
CA LYS C 294 7.35 -0.41 -7.26
C LYS C 294 7.14 -1.35 -6.06
N GLN C 295 7.99 -2.37 -5.94
CA GLN C 295 7.91 -3.30 -4.82
C GLN C 295 9.13 -3.09 -3.94
N ALA C 296 9.00 -3.45 -2.67
CA ALA C 296 10.10 -3.31 -1.74
C ALA C 296 11.29 -4.12 -2.22
N VAL C 297 11.04 -5.33 -2.72
CA VAL C 297 12.13 -6.18 -3.20
C VAL C 297 12.82 -5.61 -4.45
N THR C 298 12.07 -4.97 -5.35
CA THR C 298 12.69 -4.38 -6.55
C THR C 298 13.50 -3.15 -6.18
N SER C 299 13.01 -2.39 -5.20
CA SER C 299 13.75 -1.21 -4.72
C SER C 299 15.02 -1.65 -3.99
N ALA C 300 14.93 -2.74 -3.23
CA ALA C 300 16.10 -3.28 -2.53
C ALA C 300 17.15 -3.69 -3.56
N GLY C 301 16.72 -4.33 -4.64
CA GLY C 301 17.60 -4.75 -5.72
C GLY C 301 18.37 -3.59 -6.34
N THR C 302 17.68 -2.53 -6.74
CA THR C 302 18.36 -1.36 -7.35
C THR C 302 19.19 -0.61 -6.31
N GLY C 303 18.79 -0.69 -5.04
CA GLY C 303 19.56 -0.04 -3.97
C GLY C 303 20.91 -0.73 -3.86
N CYS C 304 20.89 -2.06 -3.94
CA CYS C 304 22.11 -2.85 -3.92
C CYS C 304 22.97 -2.48 -5.11
N MET C 305 22.35 -2.46 -6.29
CA MET C 305 23.03 -2.10 -7.54
C MET C 305 23.69 -0.73 -7.45
N ALA C 306 22.99 0.23 -6.86
CA ALA C 306 23.51 1.59 -6.72
C ALA C 306 24.78 1.63 -5.86
N ALA C 307 24.78 0.84 -4.80
CA ALA C 307 25.94 0.78 -3.91
C ALA C 307 27.14 0.18 -4.63
N LEU C 308 26.90 -0.87 -5.41
CA LEU C 308 27.98 -1.51 -6.18
C LEU C 308 28.46 -0.60 -7.31
N ASP C 309 27.55 0.13 -7.96
CA ASP C 309 27.94 1.08 -9.01
C ASP C 309 28.79 2.20 -8.40
N ALA C 310 28.37 2.69 -7.24
CA ALA C 310 29.10 3.75 -6.54
C ALA C 310 30.48 3.27 -6.10
N GLU C 311 30.56 2.04 -5.62
CA GLU C 311 31.85 1.46 -5.19
C GLU C 311 32.86 1.48 -6.36
N LYS C 312 32.39 1.09 -7.55
CA LYS C 312 33.26 1.06 -8.74
C LYS C 312 33.69 2.46 -9.14
N TYR C 313 32.78 3.43 -9.03
CA TYR C 313 33.11 4.83 -9.36
C TYR C 313 34.19 5.35 -8.40
N LEU C 314 34.06 5.02 -7.11
CA LEU C 314 35.04 5.45 -6.11
C LEU C 314 36.40 4.82 -6.28
N ASP C 315 36.43 3.53 -6.65
CA ASP C 315 37.70 2.82 -6.85
C ASP C 315 38.54 3.44 -7.97
N ASN C 316 37.87 3.93 -9.02
CA ASN C 316 38.55 4.50 -10.18
C ASN C 316 38.71 6.02 -10.16
N LEU C 317 38.53 6.65 -9.00
CA LEU C 317 38.67 8.12 -8.90
C LEU C 317 40.09 8.68 -8.90
N ASP C 318 40.85 8.43 -7.84
CA ASP C 318 42.23 8.96 -7.73
C ASP C 318 43.21 8.18 -8.63
N ASN D 6 2.39 -32.46 -17.96
CA ASN D 6 1.14 -31.75 -17.58
C ASN D 6 1.27 -30.25 -17.94
N HIS D 7 0.14 -29.62 -18.27
CA HIS D 7 0.08 -28.21 -18.69
C HIS D 7 -0.12 -27.27 -17.52
N HIS D 8 0.55 -26.12 -17.55
CA HIS D 8 0.45 -25.09 -16.50
C HIS D 8 0.55 -23.70 -17.11
N LYS D 9 -0.13 -22.74 -16.50
CA LYS D 9 -0.11 -21.37 -17.01
C LYS D 9 1.30 -20.74 -16.88
N LEU D 10 1.97 -21.03 -15.77
CA LEU D 10 3.31 -20.53 -15.52
C LEU D 10 4.22 -21.57 -14.92
N ILE D 11 5.39 -21.74 -15.53
CA ILE D 11 6.42 -22.65 -15.02
C ILE D 11 7.67 -21.81 -14.78
N ILE D 12 8.28 -22.02 -13.62
CA ILE D 12 9.50 -21.33 -13.22
C ILE D 12 10.62 -22.37 -13.14
N LEU D 13 11.73 -22.12 -13.82
CA LEU D 13 12.89 -23.04 -13.76
C LEU D 13 13.92 -22.44 -12.85
N GLY D 14 14.18 -23.10 -11.72
CA GLY D 14 15.14 -22.62 -10.72
C GLY D 14 14.49 -22.43 -9.35
N SER D 15 15.31 -22.48 -8.30
CA SER D 15 14.82 -22.27 -6.96
C SER D 15 15.73 -21.40 -6.09
N GLY D 16 16.62 -20.65 -6.74
CA GLY D 16 17.45 -19.66 -6.03
C GLY D 16 16.56 -18.45 -5.70
N PRO D 17 17.15 -17.35 -5.24
CA PRO D 17 16.35 -16.17 -4.88
C PRO D 17 15.39 -15.66 -5.97
N ALA D 18 15.81 -15.72 -7.23
CA ALA D 18 14.97 -15.26 -8.33
C ALA D 18 13.77 -16.17 -8.54
N GLY D 19 14.02 -17.47 -8.59
CA GLY D 19 12.95 -18.43 -8.77
C GLY D 19 11.96 -18.40 -7.63
N TYR D 20 12.49 -18.37 -6.42
CA TYR D 20 11.65 -18.33 -5.21
C TYR D 20 10.81 -17.06 -5.17
N THR D 21 11.43 -15.90 -5.42
CA THR D 21 10.69 -14.63 -5.38
C THR D 21 9.65 -14.58 -6.50
N ALA D 22 9.99 -15.12 -7.68
CA ALA D 22 9.05 -15.16 -8.79
C ALA D 22 7.82 -16.00 -8.42
N ALA D 23 8.04 -17.11 -7.73
CA ALA D 23 6.93 -18.00 -7.30
C ALA D 23 6.02 -17.30 -6.30
N ILE D 24 6.61 -16.61 -5.31
CA ILE D 24 5.83 -15.88 -4.31
C ILE D 24 4.88 -14.89 -4.99
N TYR D 25 5.43 -14.04 -5.86
CA TYR D 25 4.62 -13.04 -6.55
C TYR D 25 3.59 -13.64 -7.49
N ALA D 26 3.98 -14.70 -8.19
CA ALA D 26 3.07 -15.40 -9.10
C ALA D 26 1.93 -16.00 -8.28
N ALA D 27 2.26 -16.55 -7.12
CA ALA D 27 1.26 -17.16 -6.24
C ALA D 27 0.31 -16.10 -5.68
N ARG D 28 0.85 -14.92 -5.37
CA ARG D 28 0.04 -13.81 -4.86
C ARG D 28 -0.95 -13.30 -5.91
N ALA D 29 -0.62 -13.55 -7.18
CA ALA D 29 -1.48 -13.18 -8.29
C ALA D 29 -2.36 -14.37 -8.70
N ASN D 30 -2.37 -15.40 -7.84
CA ASN D 30 -3.14 -16.63 -8.04
C ASN D 30 -2.89 -17.30 -9.40
N LEU D 31 -1.64 -17.31 -9.84
CA LEU D 31 -1.26 -17.95 -11.10
C LEU D 31 -0.94 -19.44 -10.93
N LYS D 32 -0.93 -19.91 -9.68
CA LYS D 32 -0.62 -21.32 -9.37
C LYS D 32 0.66 -21.75 -10.09
N PRO D 33 1.78 -21.09 -9.77
CA PRO D 33 3.03 -21.41 -10.43
C PRO D 33 3.58 -22.77 -10.05
N VAL D 34 4.38 -23.32 -10.94
CA VAL D 34 5.04 -24.58 -10.74
C VAL D 34 6.53 -24.31 -10.86
N ILE D 35 7.28 -24.70 -9.83
CA ILE D 35 8.73 -24.53 -9.85
C ILE D 35 9.34 -25.89 -10.17
N ILE D 36 10.12 -25.95 -11.24
CA ILE D 36 10.83 -27.16 -11.62
C ILE D 36 12.28 -26.92 -11.24
N THR D 37 12.75 -27.61 -10.21
CA THR D 37 14.13 -27.49 -9.75
C THR D 37 14.88 -28.80 -9.86
N GLY D 38 16.16 -28.73 -10.25
CA GLY D 38 17.01 -29.93 -10.38
C GLY D 38 17.11 -30.71 -9.05
N MET D 39 16.85 -32.01 -9.12
CA MET D 39 16.91 -32.88 -7.93
C MET D 39 18.28 -32.80 -7.28
N GLN D 40 18.34 -32.91 -5.96
CA GLN D 40 19.63 -32.84 -5.22
C GLN D 40 19.58 -33.55 -3.88
N ASP D 78 -1.27 -20.93 -3.67
CA ASP D 78 -0.24 -21.94 -3.44
C ASP D 78 0.76 -22.08 -4.59
N THR D 79 1.87 -22.74 -4.27
CA THR D 79 2.97 -22.99 -5.19
C THR D 79 3.21 -24.48 -5.21
N GLN D 80 3.45 -25.04 -6.39
CA GLN D 80 3.73 -26.47 -6.55
C GLN D 80 5.21 -26.64 -6.89
N ILE D 81 5.87 -27.59 -6.24
CA ILE D 81 7.30 -27.83 -6.47
C ILE D 81 7.49 -29.20 -7.12
N VAL D 82 8.13 -29.22 -8.28
CA VAL D 82 8.42 -30.44 -9.02
C VAL D 82 9.93 -30.63 -9.07
N TYR D 83 10.39 -31.82 -8.71
CA TYR D 83 11.82 -32.12 -8.71
C TYR D 83 12.14 -32.90 -9.97
N ASP D 84 12.71 -32.19 -10.94
CA ASP D 84 13.05 -32.78 -12.23
C ASP D 84 14.15 -31.92 -12.87
N THR D 85 14.79 -32.45 -13.91
CA THR D 85 15.83 -31.73 -14.61
C THR D 85 15.45 -31.64 -16.09
N ILE D 86 15.33 -30.43 -16.59
CA ILE D 86 14.95 -30.21 -17.97
C ILE D 86 16.20 -30.34 -18.83
N ASN D 87 16.17 -31.26 -19.81
CA ASN D 87 17.30 -31.48 -20.71
C ASN D 87 17.08 -30.93 -22.14
N ALA D 88 15.86 -30.49 -22.44
CA ALA D 88 15.54 -29.91 -23.75
C ALA D 88 14.25 -29.10 -23.70
N VAL D 89 14.15 -28.09 -24.58
CA VAL D 89 12.98 -27.21 -24.62
C VAL D 89 12.65 -26.83 -26.05
N ASP D 90 11.36 -26.60 -26.31
CA ASP D 90 10.87 -26.16 -27.63
C ASP D 90 10.03 -24.91 -27.35
N LEU D 91 10.58 -23.75 -27.67
CA LEU D 91 9.91 -22.46 -27.43
C LEU D 91 9.39 -21.81 -28.70
N GLN D 92 9.41 -22.55 -29.81
CA GLN D 92 8.97 -22.04 -31.11
C GLN D 92 7.46 -22.06 -31.33
N ASN D 93 6.74 -22.84 -30.53
CA ASN D 93 5.28 -22.94 -30.64
C ASN D 93 4.61 -22.72 -29.29
N LYS D 94 3.30 -22.54 -29.33
CA LYS D 94 2.46 -22.34 -28.16
C LYS D 94 1.59 -23.61 -28.00
N PRO D 95 1.59 -24.24 -26.84
CA PRO D 95 2.35 -23.86 -25.65
C PRO D 95 3.83 -24.25 -25.73
N PHE D 96 4.64 -23.68 -24.85
CA PHE D 96 6.07 -24.00 -24.80
C PHE D 96 6.21 -25.40 -24.24
N LYS D 97 7.18 -26.17 -24.73
CA LYS D 97 7.38 -27.54 -24.28
C LYS D 97 8.70 -27.67 -23.53
N LEU D 98 8.66 -28.38 -22.40
CA LEU D 98 9.84 -28.63 -21.59
C LEU D 98 9.96 -30.15 -21.47
N VAL D 99 11.14 -30.69 -21.74
CA VAL D 99 11.38 -32.12 -21.65
C VAL D 99 12.20 -32.47 -20.41
N GLY D 100 11.60 -33.21 -19.49
CA GLY D 100 12.27 -33.65 -18.26
C GLY D 100 12.85 -35.06 -18.44
N GLU D 101 13.34 -35.64 -17.35
CA GLU D 101 13.92 -37.00 -17.37
C GLU D 101 12.96 -38.05 -17.92
N VAL D 102 11.69 -37.96 -17.52
CA VAL D 102 10.66 -38.90 -17.97
C VAL D 102 9.36 -38.19 -18.36
N GLU D 103 9.04 -37.07 -17.70
CA GLU D 103 7.82 -36.30 -17.99
C GLU D 103 8.09 -35.11 -18.91
N GLN D 104 7.06 -34.75 -19.68
CA GLN D 104 7.11 -33.59 -20.56
C GLN D 104 6.09 -32.59 -20.02
N TYR D 105 6.42 -31.30 -20.09
CA TYR D 105 5.55 -30.26 -19.55
C TYR D 105 5.27 -29.22 -20.60
N THR D 106 4.13 -28.55 -20.46
CA THR D 106 3.76 -27.47 -21.37
C THR D 106 3.34 -26.27 -20.52
N CYS D 107 3.53 -25.07 -21.06
CA CYS D 107 3.17 -23.87 -20.33
C CYS D 107 2.93 -22.68 -21.25
N ASP D 108 2.15 -21.73 -20.76
CA ASP D 108 1.82 -20.50 -21.50
C ASP D 108 2.91 -19.45 -21.31
N THR D 109 3.54 -19.43 -20.14
CA THR D 109 4.66 -18.53 -19.86
C THR D 109 5.73 -19.31 -19.14
N LEU D 110 6.98 -18.88 -19.35
CA LEU D 110 8.12 -19.53 -18.76
C LEU D 110 9.04 -18.49 -18.14
N ILE D 111 9.45 -18.73 -16.89
CA ILE D 111 10.39 -17.88 -16.19
C ILE D 111 11.66 -18.72 -15.99
N ILE D 112 12.72 -18.33 -16.65
CA ILE D 112 14.00 -19.02 -16.56
C ILE D 112 14.83 -18.35 -15.46
N ALA D 113 15.13 -19.09 -14.41
CA ALA D 113 15.93 -18.60 -13.29
C ALA D 113 16.86 -19.73 -12.82
N THR D 114 17.51 -20.35 -13.78
CA THR D 114 18.39 -21.49 -13.53
C THR D 114 19.73 -21.17 -12.87
N GLY D 115 20.01 -19.88 -12.65
CA GLY D 115 21.27 -19.47 -12.00
C GLY D 115 22.53 -19.80 -12.78
N ALA D 116 23.53 -20.33 -12.06
CA ALA D 116 24.77 -20.70 -12.63
C ALA D 116 25.14 -22.14 -12.15
N THR D 117 26.08 -22.71 -12.85
CA THR D 117 26.58 -24.06 -12.55
C THR D 117 28.11 -24.02 -12.52
N ALA D 118 28.63 -24.75 -11.54
CA ALA D 118 30.02 -24.77 -11.27
C ALA D 118 30.86 -25.30 -12.41
N LYS D 119 32.02 -24.66 -12.55
CA LYS D 119 33.09 -25.10 -13.43
C LYS D 119 34.00 -26.03 -12.61
N TYR D 120 34.51 -27.05 -13.27
CA TYR D 120 35.39 -28.03 -12.64
C TYR D 120 36.81 -27.93 -13.21
N LEU D 121 37.80 -28.22 -12.38
CA LEU D 121 39.18 -28.20 -12.80
C LEU D 121 39.46 -29.06 -14.04
N GLY D 122 38.74 -30.16 -14.18
CA GLY D 122 38.92 -31.08 -15.31
C GLY D 122 39.87 -32.23 -15.02
N LEU D 123 40.13 -32.51 -13.75
CA LEU D 123 41.02 -33.60 -13.37
C LEU D 123 40.23 -34.89 -13.48
N GLU D 124 40.91 -36.02 -13.74
CA GLU D 124 40.20 -37.29 -13.88
C GLU D 124 39.66 -37.73 -12.54
N SER D 125 40.45 -37.50 -11.48
CA SER D 125 40.07 -37.84 -10.09
C SER D 125 38.88 -36.99 -9.56
N GLU D 126 38.59 -35.91 -10.28
CA GLU D 126 37.48 -35.03 -9.96
C GLU D 126 36.20 -35.68 -10.45
N GLU D 127 36.17 -36.07 -11.72
CA GLU D 127 34.98 -36.72 -12.31
C GLU D 127 34.76 -38.04 -11.54
N LYS D 128 35.84 -38.76 -11.28
CA LYS D 128 35.85 -40.06 -10.63
C LYS D 128 35.25 -40.14 -9.22
N PHE D 129 35.39 -39.06 -8.43
CA PHE D 129 34.82 -38.96 -7.09
C PHE D 129 33.57 -38.06 -6.93
N MET D 130 32.92 -37.68 -8.05
CA MET D 130 31.68 -36.92 -8.02
C MET D 130 30.64 -37.58 -7.11
N GLY D 131 29.97 -36.75 -6.31
CA GLY D 131 28.94 -37.22 -5.36
C GLY D 131 29.46 -38.33 -4.47
N LYS D 132 30.73 -38.26 -4.11
CA LYS D 132 31.36 -39.29 -3.30
C LYS D 132 32.60 -38.72 -2.62
N GLY D 133 32.62 -37.39 -2.45
CA GLY D 133 33.74 -36.66 -1.83
C GLY D 133 34.06 -35.36 -2.61
N VAL D 134 33.56 -35.27 -3.83
CA VAL D 134 33.72 -34.12 -4.70
C VAL D 134 32.34 -33.53 -4.97
N SER D 135 32.26 -32.21 -4.81
CA SER D 135 31.04 -31.46 -4.99
C SER D 135 31.38 -30.03 -5.37
N ALA D 136 30.40 -29.31 -5.90
CA ALA D 136 30.57 -27.91 -6.28
C ALA D 136 29.48 -27.08 -5.65
N CYS D 137 28.77 -27.68 -4.68
CA CYS D 137 27.68 -27.01 -4.01
C CYS D 137 27.70 -27.33 -2.51
N ALA D 138 28.28 -26.43 -1.74
CA ALA D 138 28.39 -26.60 -0.29
C ALA D 138 27.03 -26.59 0.39
N THR D 139 26.10 -25.78 -0.12
CA THR D 139 24.74 -25.69 0.44
C THR D 139 23.90 -26.91 0.06
N CYS D 140 24.41 -27.74 -0.86
CA CYS D 140 23.71 -28.94 -1.29
C CYS D 140 24.10 -30.16 -0.46
N ASP D 141 25.40 -30.46 -0.45
CA ASP D 141 26.01 -31.62 0.18
C ASP D 141 26.80 -31.37 1.47
N GLY D 142 26.92 -30.11 1.90
CA GLY D 142 27.73 -29.77 3.04
C GLY D 142 27.27 -30.39 4.35
N PHE D 143 25.96 -30.62 4.50
CA PHE D 143 25.44 -31.22 5.74
C PHE D 143 25.91 -32.65 6.01
N PHE D 144 26.47 -33.31 5.00
CA PHE D 144 26.98 -34.69 5.15
C PHE D 144 28.40 -34.72 5.71
N TYR D 145 28.97 -33.55 6.00
CA TYR D 145 30.33 -33.47 6.53
C TYR D 145 30.39 -32.82 7.91
N LYS D 146 29.41 -33.16 8.74
CA LYS D 146 29.36 -32.67 10.12
C LYS D 146 30.50 -33.32 10.89
N ASN D 147 31.32 -32.49 11.54
CA ASN D 147 32.48 -32.94 12.31
C ASN D 147 33.54 -33.68 11.46
N LYS D 148 33.67 -33.26 10.20
CA LYS D 148 34.66 -33.85 9.28
C LYS D 148 35.52 -32.75 8.69
N ASP D 149 36.69 -33.15 8.18
CA ASP D 149 37.63 -32.21 7.57
C ASP D 149 37.32 -32.08 6.10
N VAL D 150 37.12 -30.84 5.64
CA VAL D 150 36.79 -30.59 4.25
C VAL D 150 37.66 -29.48 3.69
N ALA D 151 37.69 -29.40 2.36
CA ALA D 151 38.46 -28.39 1.65
C ALA D 151 37.59 -27.67 0.63
N VAL D 152 37.98 -26.43 0.33
CA VAL D 152 37.30 -25.62 -0.66
C VAL D 152 38.39 -25.10 -1.59
N VAL D 153 38.18 -25.26 -2.88
CA VAL D 153 39.15 -24.81 -3.89
C VAL D 153 38.58 -23.60 -4.64
N GLY D 154 39.31 -22.48 -4.58
CA GLY D 154 38.90 -21.25 -5.24
C GLY D 154 39.23 -20.02 -4.41
N GLY D 155 39.05 -18.84 -4.99
CA GLY D 155 39.33 -17.58 -4.31
C GLY D 155 38.40 -16.42 -4.57
N GLY D 156 37.25 -16.70 -5.18
CA GLY D 156 36.23 -15.66 -5.46
C GLY D 156 35.17 -15.67 -4.36
N ASN D 157 34.06 -14.98 -4.62
CA ASN D 157 32.97 -14.90 -3.65
C ASN D 157 32.38 -16.27 -3.33
N THR D 158 32.26 -17.11 -4.36
CA THR D 158 31.68 -18.44 -4.19
C THR D 158 32.52 -19.27 -3.21
N ALA D 159 33.84 -19.26 -3.40
CA ALA D 159 34.77 -20.01 -2.54
C ALA D 159 34.73 -19.50 -1.08
N VAL D 160 34.76 -18.19 -0.90
CA VAL D 160 34.72 -17.58 0.43
C VAL D 160 33.40 -17.89 1.12
N GLU D 161 32.29 -17.71 0.40
CA GLU D 161 30.97 -17.99 0.97
C GLU D 161 30.79 -19.46 1.32
N GLU D 162 31.34 -20.36 0.49
CA GLU D 162 31.24 -21.79 0.78
C GLU D 162 32.09 -22.17 1.99
N ALA D 163 33.28 -21.57 2.12
CA ALA D 163 34.16 -21.85 3.26
C ALA D 163 33.47 -21.38 4.55
N LEU D 164 32.90 -20.17 4.51
CA LEU D 164 32.19 -19.63 5.66
C LEU D 164 30.96 -20.48 6.02
N PHE D 165 30.25 -20.95 5.00
CA PHE D 165 29.07 -21.78 5.23
C PHE D 165 29.47 -23.12 5.84
N LEU D 166 30.54 -23.72 5.31
CA LEU D 166 31.02 -25.01 5.81
C LEU D 166 31.66 -24.94 7.20
N SER D 167 32.12 -23.75 7.63
CA SER D 167 32.74 -23.63 8.97
C SER D 167 31.77 -23.97 10.10
N ASN D 168 30.49 -23.63 9.92
CA ASN D 168 29.46 -23.88 10.94
C ASN D 168 29.05 -25.37 11.00
N ILE D 169 29.53 -26.18 10.06
CA ILE D 169 29.19 -27.60 9.97
C ILE D 169 30.39 -28.52 10.18
N ALA D 170 31.44 -28.27 9.40
CA ALA D 170 32.64 -29.10 9.43
C ALA D 170 33.51 -28.91 10.67
N LYS D 171 34.39 -29.89 10.90
CA LYS D 171 35.33 -29.83 12.01
C LYS D 171 36.33 -28.75 11.65
N SER D 172 36.83 -28.82 10.41
CA SER D 172 37.78 -27.84 9.90
C SER D 172 37.53 -27.63 8.41
N VAL D 173 37.83 -26.43 7.93
CA VAL D 173 37.68 -26.07 6.54
C VAL D 173 39.02 -25.53 6.07
N THR D 174 39.54 -26.09 4.98
CA THR D 174 40.81 -25.65 4.41
C THR D 174 40.55 -25.03 3.04
N LEU D 175 40.71 -23.71 2.94
CA LEU D 175 40.52 -22.99 1.69
C LEU D 175 41.85 -23.03 0.94
N ILE D 176 41.82 -23.51 -0.30
CA ILE D 176 42.99 -23.63 -1.16
C ILE D 176 42.79 -22.73 -2.37
N HIS D 177 43.75 -21.83 -2.61
CA HIS D 177 43.65 -20.89 -3.74
C HIS D 177 45.01 -20.67 -4.39
N ARG D 178 45.01 -20.60 -5.73
CA ARG D 178 46.25 -20.41 -6.52
C ARG D 178 46.91 -19.03 -6.42
N ARG D 179 46.15 -18.00 -6.04
CA ARG D 179 46.72 -16.66 -5.91
C ARG D 179 47.10 -16.35 -4.46
N ASP D 180 47.65 -15.16 -4.26
CA ASP D 180 48.10 -14.69 -2.94
C ASP D 180 46.97 -13.92 -2.22
N THR D 181 45.94 -13.49 -2.96
CA THR D 181 44.82 -12.73 -2.39
C THR D 181 43.47 -13.28 -2.87
N LEU D 182 42.40 -12.89 -2.16
CA LEU D 182 41.06 -13.32 -2.49
C LEU D 182 40.26 -12.20 -3.17
N ARG D 183 39.44 -12.56 -4.16
CA ARG D 183 38.60 -11.63 -4.90
C ARG D 183 37.17 -11.73 -4.40
N SER D 184 36.94 -11.24 -3.18
CA SER D 184 35.55 -11.19 -2.62
C SER D 184 35.25 -9.87 -1.91
N GLU D 185 34.01 -9.66 -1.49
CA GLU D 185 33.63 -8.47 -0.71
C GLU D 185 34.48 -8.39 0.57
N LYS D 186 34.87 -7.17 0.93
CA LYS D 186 35.72 -6.95 2.10
C LYS D 186 35.14 -7.48 3.42
N ILE D 187 33.82 -7.31 3.60
CA ILE D 187 33.19 -7.75 4.86
C ILE D 187 33.30 -9.27 5.01
N LEU D 188 33.20 -9.99 3.90
CA LEU D 188 33.31 -11.46 3.92
C LEU D 188 34.76 -11.89 4.14
N ILE D 189 35.73 -11.17 3.55
CA ILE D 189 37.15 -11.48 3.74
C ILE D 189 37.51 -11.35 5.21
N ASP D 190 37.05 -10.26 5.84
CA ASP D 190 37.31 -10.04 7.27
C ASP D 190 36.72 -11.15 8.15
N LYS D 191 35.53 -11.63 7.78
CA LYS D 191 34.88 -12.73 8.53
C LYS D 191 35.73 -13.98 8.39
N LEU D 192 36.18 -14.26 7.17
CA LEU D 192 37.00 -15.43 6.86
C LEU D 192 38.31 -15.40 7.63
N MET D 193 39.01 -14.26 7.58
CA MET D 193 40.29 -14.11 8.27
C MET D 193 40.15 -14.21 9.80
N GLU D 194 39.01 -13.78 10.33
CA GLU D 194 38.76 -13.87 11.77
C GLU D 194 38.70 -15.35 12.16
N LYS D 195 38.00 -16.15 11.36
CA LYS D 195 37.88 -17.59 11.60
C LYS D 195 39.18 -18.33 11.29
N ALA D 196 40.00 -17.77 10.41
CA ALA D 196 41.29 -18.38 10.07
C ALA D 196 42.29 -18.20 11.21
N GLN D 197 42.17 -17.08 11.92
CA GLN D 197 43.04 -16.74 13.05
C GLN D 197 42.58 -17.36 14.39
N HIS D 198 41.27 -17.40 14.61
CA HIS D 198 40.69 -17.89 15.87
C HIS D 198 39.69 -19.05 15.77
N GLY D 199 39.45 -19.56 14.56
CA GLY D 199 38.43 -20.61 14.38
C GLY D 199 38.89 -21.87 13.70
N ASN D 200 37.99 -22.50 12.92
CA ASN D 200 38.31 -23.76 12.26
C ASN D 200 38.63 -23.65 10.76
N ILE D 201 39.14 -22.50 10.33
CA ILE D 201 39.49 -22.30 8.92
C ILE D 201 41.00 -22.16 8.76
N ASN D 202 41.54 -22.81 7.74
CA ASN D 202 42.97 -22.74 7.36
C ASN D 202 42.99 -22.27 5.91
N ILE D 203 43.94 -21.42 5.59
CA ILE D 203 44.06 -20.91 4.22
C ILE D 203 45.43 -21.26 3.68
N ILE D 204 45.46 -21.93 2.52
CA ILE D 204 46.69 -22.32 1.86
C ILE D 204 46.76 -21.49 0.58
N TRP D 205 47.70 -20.55 0.54
CA TRP D 205 47.84 -19.64 -0.59
C TRP D 205 48.76 -20.22 -1.65
N ASN D 206 48.71 -19.60 -2.84
CA ASN D 206 49.56 -19.96 -3.98
C ASN D 206 49.65 -21.47 -4.20
N THR D 207 48.50 -22.12 -4.25
CA THR D 207 48.44 -23.58 -4.39
C THR D 207 47.28 -24.05 -5.29
N THR D 208 47.52 -25.14 -6.01
CA THR D 208 46.51 -25.73 -6.91
C THR D 208 46.27 -27.19 -6.56
N LEU D 209 45.09 -27.70 -6.93
CA LEU D 209 44.72 -29.08 -6.69
C LEU D 209 45.21 -29.92 -7.87
N GLU D 210 46.13 -30.84 -7.60
CA GLU D 210 46.69 -31.72 -8.63
C GLU D 210 45.89 -33.01 -8.80
N GLU D 211 45.50 -33.60 -7.68
CA GLU D 211 44.75 -34.87 -7.74
C GLU D 211 43.91 -35.09 -6.49
N VAL D 212 42.74 -35.71 -6.69
CA VAL D 212 41.83 -36.05 -5.60
C VAL D 212 42.03 -37.55 -5.35
N LEU D 213 42.52 -37.89 -4.17
CA LEU D 213 42.81 -39.28 -3.81
C LEU D 213 41.69 -39.88 -2.96
N GLY D 214 41.37 -41.15 -3.22
CA GLY D 214 40.32 -41.83 -2.49
C GLY D 214 40.23 -43.31 -2.81
N ASP D 215 39.14 -43.94 -2.33
CA ASP D 215 38.90 -45.37 -2.56
C ASP D 215 37.39 -45.65 -2.74
N ASP D 216 37.00 -46.92 -2.66
CA ASP D 216 35.60 -47.33 -2.82
C ASP D 216 34.60 -46.58 -1.93
N MET D 217 34.98 -46.26 -0.70
CA MET D 217 34.08 -45.54 0.22
C MET D 217 34.01 -44.04 -0.06
N GLY D 218 35.00 -43.50 -0.77
CA GLY D 218 35.00 -42.06 -1.13
C GLY D 218 36.38 -41.41 -1.09
N VAL D 219 36.37 -40.08 -1.09
CA VAL D 219 37.59 -39.27 -1.01
C VAL D 219 38.15 -39.32 0.42
N ASN D 220 39.48 -39.33 0.53
CA ASN D 220 40.15 -39.36 1.83
C ASN D 220 41.44 -38.50 1.87
N ALA D 221 41.84 -37.93 0.72
CA ALA D 221 43.05 -37.12 0.65
C ALA D 221 43.14 -36.29 -0.65
N LEU D 222 44.01 -35.28 -0.65
CA LEU D 222 44.23 -34.41 -1.81
C LEU D 222 45.72 -34.17 -2.05
N ARG D 223 46.14 -34.18 -3.31
CA ARG D 223 47.52 -33.86 -3.66
C ARG D 223 47.52 -32.42 -4.16
N ILE D 224 48.26 -31.55 -3.47
CA ILE D 224 48.34 -30.13 -3.85
C ILE D 224 49.77 -29.71 -4.15
N LYS D 225 49.93 -28.62 -4.90
CA LYS D 225 51.23 -28.12 -5.32
C LYS D 225 51.30 -26.59 -5.21
N ASN D 226 52.37 -26.10 -4.59
CA ASN D 226 52.59 -24.65 -4.47
C ASN D 226 53.10 -24.20 -5.84
N ILE D 227 52.32 -23.38 -6.54
CA ILE D 227 52.66 -22.90 -7.90
C ILE D 227 53.94 -22.05 -7.97
N LYS D 228 54.35 -21.45 -6.85
CA LYS D 228 55.57 -20.62 -6.82
C LYS D 228 56.84 -21.42 -6.49
N THR D 229 56.73 -22.47 -5.69
CA THR D 229 57.87 -23.28 -5.26
C THR D 229 57.89 -24.67 -5.92
N ASN D 230 56.76 -25.09 -6.49
CA ASN D 230 56.61 -26.41 -7.13
C ASN D 230 56.73 -27.58 -6.15
N GLU D 231 56.64 -27.29 -4.86
CA GLU D 231 56.73 -28.32 -3.83
C GLU D 231 55.31 -28.90 -3.63
N GLU D 232 55.19 -30.22 -3.64
CA GLU D 232 53.91 -30.89 -3.46
C GLU D 232 53.71 -31.38 -2.03
N SER D 233 52.45 -31.43 -1.62
CA SER D 233 52.07 -31.90 -0.29
C SER D 233 50.85 -32.81 -0.42
N GLN D 234 50.44 -33.39 0.71
CA GLN D 234 49.28 -34.29 0.75
C GLN D 234 48.59 -34.15 2.10
N MET D 235 47.33 -33.72 2.07
CA MET D 235 46.54 -33.51 3.28
C MET D 235 45.31 -34.41 3.28
N GLY D 236 44.88 -34.80 4.46
CA GLY D 236 43.70 -35.67 4.61
C GLY D 236 42.42 -34.86 4.61
N VAL D 237 41.46 -35.27 3.78
CA VAL D 237 40.18 -34.57 3.64
C VAL D 237 39.07 -35.59 3.39
N ALA D 238 37.91 -35.39 4.01
CA ALA D 238 36.75 -36.29 3.80
C ALA D 238 35.97 -35.89 2.53
N GLY D 239 36.05 -34.61 2.16
CA GLY D 239 35.36 -34.09 0.99
C GLY D 239 35.93 -32.76 0.53
N VAL D 240 35.91 -32.54 -0.79
CA VAL D 240 36.43 -31.30 -1.37
C VAL D 240 35.30 -30.61 -2.13
N PHE D 241 35.28 -29.28 -2.04
CA PHE D 241 34.26 -28.45 -2.70
C PHE D 241 34.91 -27.50 -3.70
N ILE D 242 34.63 -27.73 -4.99
CA ILE D 242 35.22 -26.94 -6.05
C ILE D 242 34.36 -25.68 -6.27
N ALA D 243 34.95 -24.53 -6.00
CA ALA D 243 34.27 -23.23 -6.14
C ALA D 243 35.18 -22.26 -6.90
N ILE D 244 35.54 -22.58 -8.13
CA ILE D 244 36.51 -21.80 -8.90
C ILE D 244 35.96 -20.87 -9.97
N GLY D 245 34.69 -21.02 -10.34
CA GLY D 245 34.11 -20.21 -11.41
C GLY D 245 32.74 -20.73 -11.78
N HIS D 246 31.87 -19.83 -12.24
N HIS D 246 31.86 -19.84 -12.20
CA HIS D 246 30.49 -20.14 -12.51
CA HIS D 246 30.54 -20.23 -12.59
C HIS D 246 30.04 -19.63 -13.86
C HIS D 246 30.21 -19.70 -13.95
N THR D 247 29.44 -20.50 -14.68
CA THR D 247 28.88 -20.10 -15.96
C THR D 247 27.37 -20.16 -15.78
N PRO D 248 26.60 -19.40 -16.59
CA PRO D 248 25.15 -19.53 -16.56
C PRO D 248 24.67 -20.89 -17.13
N ASN D 249 23.62 -21.43 -16.52
CA ASN D 249 23.07 -22.72 -16.89
C ASN D 249 22.01 -22.48 -17.96
N THR D 250 22.45 -22.38 -19.21
CA THR D 250 21.59 -22.05 -20.33
C THR D 250 21.83 -22.78 -21.65
N SER D 251 22.69 -23.79 -21.64
CA SER D 251 22.98 -24.54 -22.88
C SER D 251 21.74 -25.09 -23.62
N ILE D 252 20.71 -25.48 -22.89
CA ILE D 252 19.46 -26.01 -23.51
C ILE D 252 18.65 -24.99 -24.32
N PHE D 253 18.90 -23.69 -24.13
CA PHE D 253 18.18 -22.63 -24.85
C PHE D 253 18.94 -22.14 -26.10
N ALA D 254 20.11 -22.73 -26.35
CA ALA D 254 20.93 -22.35 -27.50
C ALA D 254 20.14 -22.47 -28.79
N GLY D 255 20.20 -21.43 -29.61
CA GLY D 255 19.49 -21.38 -30.88
C GLY D 255 18.08 -20.81 -30.83
N GLN D 256 17.48 -20.74 -29.64
CA GLN D 256 16.09 -20.24 -29.51
C GLN D 256 16.02 -18.90 -28.81
N LEU D 257 16.88 -18.69 -27.81
CA LEU D 257 16.93 -17.43 -27.07
C LEU D 257 18.22 -16.70 -27.38
N GLU D 258 18.12 -15.37 -27.52
CA GLU D 258 19.29 -14.55 -27.79
C GLU D 258 20.16 -14.57 -26.53
N MET D 259 21.43 -14.91 -26.71
CA MET D 259 22.39 -15.01 -25.61
C MET D 259 23.71 -14.35 -25.93
N GLU D 260 24.46 -13.99 -24.90
CA GLU D 260 25.75 -13.34 -25.05
C GLU D 260 26.62 -13.90 -23.93
N ASN D 261 27.66 -14.64 -24.30
CA ASN D 261 28.58 -15.29 -23.34
C ASN D 261 27.83 -16.24 -22.41
N GLY D 262 26.77 -16.88 -22.92
CA GLY D 262 25.95 -17.79 -22.13
C GLY D 262 24.81 -17.13 -21.35
N TYR D 263 24.83 -15.82 -21.19
CA TYR D 263 23.80 -15.11 -20.45
C TYR D 263 22.61 -14.81 -21.36
N ILE D 264 21.41 -15.09 -20.88
CA ILE D 264 20.19 -14.83 -21.64
C ILE D 264 19.92 -13.33 -21.65
N LYS D 265 19.83 -12.77 -22.84
CA LYS D 265 19.55 -11.37 -23.01
C LYS D 265 18.10 -11.08 -22.64
N VAL D 266 17.90 -9.98 -21.91
CA VAL D 266 16.57 -9.52 -21.52
C VAL D 266 16.45 -8.07 -21.97
N LYS D 267 15.21 -7.63 -22.14
CA LYS D 267 14.92 -6.28 -22.60
C LYS D 267 15.44 -5.21 -21.65
N SER D 268 15.34 -5.45 -20.34
CA SER D 268 15.78 -4.51 -19.32
C SER D 268 15.01 -3.19 -19.52
N GLY D 269 15.60 -2.06 -19.16
CA GLY D 269 14.93 -0.79 -19.38
C GLY D 269 13.96 -0.35 -18.31
N LEU D 270 13.32 0.78 -18.58
CA LEU D 270 12.40 1.45 -17.67
C LEU D 270 10.94 1.48 -18.10
N ALA D 271 10.60 0.76 -19.16
CA ALA D 271 9.24 0.74 -19.70
C ALA D 271 8.46 -0.56 -19.42
N GLY D 272 8.94 -1.38 -18.48
CA GLY D 272 8.28 -2.65 -18.18
C GLY D 272 8.78 -3.74 -19.10
N ASP D 273 8.32 -4.97 -18.86
CA ASP D 273 8.75 -6.15 -19.64
C ASP D 273 10.28 -6.26 -19.64
N ALA D 274 10.88 -5.82 -18.51
CA ALA D 274 12.34 -5.81 -18.39
C ALA D 274 13.00 -7.17 -18.33
N THR D 275 12.23 -8.22 -18.05
CA THR D 275 12.79 -9.59 -17.99
C THR D 275 12.47 -10.40 -19.23
N GLN D 276 11.83 -9.79 -20.23
CA GLN D 276 11.45 -10.54 -21.43
C GLN D 276 12.61 -10.80 -22.38
N THR D 277 12.67 -12.04 -22.88
CA THR D 277 13.69 -12.46 -23.82
C THR D 277 13.20 -12.10 -25.22
N ASN D 278 13.89 -12.57 -26.26
CA ASN D 278 13.45 -12.31 -27.64
C ASN D 278 12.12 -13.00 -27.97
N ILE D 279 11.71 -13.97 -27.14
CA ILE D 279 10.44 -14.69 -27.35
C ILE D 279 9.41 -14.18 -26.34
N LYS D 280 8.29 -13.66 -26.84
CA LYS D 280 7.25 -13.15 -25.95
C LYS D 280 6.72 -14.30 -25.11
N GLY D 281 6.55 -14.04 -23.81
CA GLY D 281 6.07 -15.06 -22.87
C GLY D 281 7.18 -15.82 -22.17
N VAL D 282 8.43 -15.61 -22.60
CA VAL D 282 9.58 -16.25 -22.00
C VAL D 282 10.39 -15.16 -21.32
N PHE D 283 10.56 -15.30 -20.01
CA PHE D 283 11.26 -14.33 -19.22
C PHE D 283 12.46 -14.95 -18.51
N ALA D 284 13.43 -14.12 -18.17
CA ALA D 284 14.64 -14.58 -17.49
C ALA D 284 14.97 -13.63 -16.34
N ALA D 285 15.32 -14.21 -15.19
CA ALA D 285 15.63 -13.47 -13.99
C ALA D 285 16.80 -14.09 -13.25
N GLY D 286 17.48 -13.28 -12.45
CA GLY D 286 18.62 -13.75 -11.68
C GLY D 286 19.92 -13.80 -12.46
N ASP D 287 20.84 -14.60 -11.95
CA ASP D 287 22.19 -14.72 -12.54
C ASP D 287 22.24 -15.21 -13.99
N VAL D 288 21.18 -15.84 -14.49
CA VAL D 288 21.17 -16.28 -15.89
C VAL D 288 21.16 -15.10 -16.85
N ALA D 289 20.68 -13.94 -16.37
CA ALA D 289 20.59 -12.72 -17.18
C ALA D 289 21.33 -11.53 -16.56
N ASP D 290 22.19 -11.78 -15.59
CA ASP D 290 22.94 -10.73 -14.91
C ASP D 290 24.38 -11.17 -14.71
N HIS D 291 25.32 -10.54 -15.43
CA HIS D 291 26.75 -10.88 -15.28
C HIS D 291 27.52 -9.78 -14.54
N VAL D 292 26.83 -8.86 -13.88
CA VAL D 292 27.48 -7.75 -13.17
C VAL D 292 27.29 -7.75 -11.64
N TYR D 293 26.05 -7.71 -11.19
CA TYR D 293 25.74 -7.61 -9.75
C TYR D 293 25.76 -8.95 -9.01
N LYS D 294 25.01 -9.93 -9.50
CA LYS D 294 25.05 -11.29 -8.93
C LYS D 294 24.85 -11.43 -7.41
N GLN D 295 23.90 -10.67 -6.88
CA GLN D 295 23.59 -10.74 -5.45
C GLN D 295 22.21 -11.37 -5.29
N ALA D 296 22.00 -12.01 -4.15
CA ALA D 296 20.72 -12.63 -3.87
C ALA D 296 19.59 -11.58 -3.97
N VAL D 297 19.84 -10.39 -3.42
CA VAL D 297 18.83 -9.34 -3.46
C VAL D 297 18.53 -8.83 -4.88
N THR D 298 19.54 -8.76 -5.75
CA THR D 298 19.31 -8.32 -7.14
C THR D 298 18.56 -9.39 -7.91
N SER D 299 18.86 -10.65 -7.62
CA SER D 299 18.16 -11.77 -8.25
C SER D 299 16.70 -11.82 -7.78
N ALA D 300 16.48 -11.55 -6.50
CA ALA D 300 15.12 -11.51 -5.95
C ALA D 300 14.31 -10.41 -6.67
N GLY D 301 14.95 -9.25 -6.88
CA GLY D 301 14.33 -8.14 -7.58
C GLY D 301 13.86 -8.50 -8.99
N THR D 302 14.74 -9.08 -9.80
CA THR D 302 14.36 -9.47 -11.17
C THR D 302 13.38 -10.64 -11.17
N GLY D 303 13.43 -11.47 -10.13
CA GLY D 303 12.50 -12.58 -10.01
C GLY D 303 11.09 -12.03 -9.81
N CYS D 304 10.98 -11.00 -8.97
CA CYS D 304 9.71 -10.32 -8.76
C CYS D 304 9.23 -9.71 -10.08
N MET D 305 10.13 -9.00 -10.76
CA MET D 305 9.83 -8.38 -12.05
C MET D 305 9.34 -9.41 -13.07
N ALA D 306 9.96 -10.58 -13.10
CA ALA D 306 9.58 -11.63 -14.04
C ALA D 306 8.16 -12.13 -13.79
N ALA D 307 7.79 -12.25 -12.53
CA ALA D 307 6.44 -12.70 -12.19
C ALA D 307 5.40 -11.66 -12.62
N LEU D 308 5.70 -10.38 -12.40
CA LEU D 308 4.79 -9.31 -12.82
C LEU D 308 4.72 -9.20 -14.35
N ASP D 309 5.86 -9.40 -15.04
CA ASP D 309 5.88 -9.37 -16.50
C ASP D 309 5.02 -10.53 -17.04
N ALA D 310 5.19 -11.71 -16.44
CA ALA D 310 4.43 -12.90 -16.84
C ALA D 310 2.93 -12.70 -16.60
N GLU D 311 2.58 -12.07 -15.47
CA GLU D 311 1.17 -11.81 -15.15
C GLU D 311 0.53 -10.96 -16.25
N LYS D 312 1.23 -9.92 -16.72
CA LYS D 312 0.73 -9.04 -17.77
C LYS D 312 0.58 -9.80 -19.09
N TYR D 313 1.53 -10.68 -19.41
CA TYR D 313 1.45 -11.48 -20.64
C TYR D 313 0.22 -12.40 -20.60
N LEU D 314 -0.03 -13.01 -19.43
CA LEU D 314 -1.20 -13.90 -19.28
C LEU D 314 -2.53 -13.15 -19.34
N ASP D 315 -2.59 -11.95 -18.79
CA ASP D 315 -3.82 -11.14 -18.83
C ASP D 315 -4.25 -10.79 -20.26
N ASN D 316 -3.28 -10.56 -21.14
CA ASN D 316 -3.54 -10.18 -22.54
C ASN D 316 -3.56 -11.34 -23.54
N LEU D 317 -3.64 -12.59 -23.05
CA LEU D 317 -3.64 -13.76 -23.95
C LEU D 317 -5.00 -14.04 -24.62
CL CL E . -46.54 14.23 -6.15
S SO4 F . -26.45 5.37 3.37
O1 SO4 F . -27.19 6.35 2.56
O2 SO4 F . -25.44 4.71 2.52
O3 SO4 F . -27.38 4.34 3.88
O4 SO4 F . -25.85 6.05 4.54
S SO4 G . -31.40 16.34 7.48
O1 SO4 G . -30.58 17.28 8.26
O2 SO4 G . -30.88 16.34 6.09
O3 SO4 G . -31.27 14.99 8.07
O4 SO4 G . -32.82 16.76 7.49
S SO4 H . -35.04 21.49 12.75
O1 SO4 H . -34.41 21.82 11.46
O2 SO4 H . -34.69 22.53 13.74
O3 SO4 H . -34.56 20.17 13.22
O4 SO4 H . -36.51 21.44 12.57
S SO4 I . -26.30 24.16 -9.01
O1 SO4 I . -25.54 25.31 -9.57
O2 SO4 I . -26.20 23.01 -9.93
O3 SO4 I . -25.73 23.80 -7.70
O4 SO4 I . -27.72 24.54 -8.86
CL CL J . 2.22 15.30 7.51
CL CL K . 8.87 27.72 9.72
S SO4 L . -4.34 9.18 6.52
O1 SO4 L . -3.23 8.85 5.59
O2 SO4 L . -5.19 10.22 5.89
O3 SO4 L . -5.14 7.99 6.84
O4 SO4 L . -3.80 9.71 7.78
S SO4 M . 0.78 -4.79 9.64
O1 SO4 M . 1.59 -5.51 8.63
O2 SO4 M . 0.38 -3.49 9.06
O3 SO4 M . 1.58 -4.58 10.87
O4 SO4 M . -0.43 -5.58 9.97
S SO4 N . 3.01 -5.14 17.30
O1 SO4 N . 3.80 -3.89 17.23
O2 SO4 N . 2.54 -5.50 15.95
O3 SO4 N . 3.86 -6.22 17.85
O4 SO4 N . 1.85 -4.93 18.19
CL CL O . 8.40 15.52 -18.07
CL CL P . -1.40 26.19 -7.96
CL CL Q . 2.77 6.13 -17.78
S SO4 R . 11.97 3.18 -2.10
O1 SO4 R . 12.59 4.46 -2.49
O2 SO4 R . 11.53 2.44 -3.29
O3 SO4 R . 12.98 2.43 -1.34
O4 SO4 R . 10.79 3.46 -1.25
S SO4 S . -1.00 3.55 -10.02
O1 SO4 S . 0.09 4.54 -10.11
O2 SO4 S . -0.75 2.45 -10.97
O3 SO4 S . -2.28 4.22 -10.33
O4 SO4 S . -1.07 2.98 -8.64
S SO4 T . -0.71 8.42 -15.57
O1 SO4 T . 0.39 7.60 -16.10
O2 SO4 T . -1.44 9.04 -16.70
O3 SO4 T . -1.61 7.57 -14.77
O4 SO4 T . -0.17 9.50 -14.71
S SO4 U . 13.61 10.90 2.88
O1 SO4 U . 14.84 11.38 2.21
O2 SO4 U . 12.70 10.32 1.87
O3 SO4 U . 13.96 9.87 3.89
O4 SO4 U . 12.94 12.03 3.55
S SO4 V . 19.67 -16.95 -8.89
O1 SO4 V . 20.31 -15.69 -9.32
O2 SO4 V . 19.03 -17.58 -10.06
O3 SO4 V . 20.69 -17.85 -8.31
O4 SO4 V . 18.62 -16.68 -7.88
S SO4 W . 33.39 -16.74 -8.43
O1 SO4 W . 33.07 -15.42 -9.03
O2 SO4 W . 34.78 -17.12 -8.83
O3 SO4 W . 32.45 -17.75 -8.92
O4 SO4 W . 33.31 -16.65 -6.96
#